data_1NI1
#
_entry.id   1NI1
#
_cell.length_a   170.096
_cell.length_b   170.096
_cell.length_c   69.286
_cell.angle_alpha   90
_cell.angle_beta   90
_cell.angle_gamma   120
#
_symmetry.space_group_name_H-M   'P 61'
#
loop_
_entity.id
_entity.type
_entity.pdbx_description
1 polymer 'Protein farnesyltransferase alpha subunit'
2 polymer 'Protein farnesyltransferase beta subunit'
3 non-polymer 'ZINC ION'
4 non-polymer 'ALPHA-HYDROXYFARNESYLPHOSPHONIC ACID'
5 non-polymer '2-CHLORO-5-(3-CHLORO-PHENYL)-6-[(4-CYANO-PHENYL)-(3-METHYL-3H-IMIDAZOL-4-YL)- METHOXYMETHYL]-NICOTINONITRILE'
#
loop_
_entity_poly.entity_id
_entity_poly.type
_entity_poly.pdbx_seq_one_letter_code
_entity_poly.pdbx_strand_id
1 'polypeptide(L)'
;FLSLDSPTYVLYRDRAEWADIDPVPQNDGPSPVVQIIYSEKFRDVYDYFRAVLQRDERSERAFKLTRDAIELNAANYTVW
HFRRVLLRSLQKDLQEEMNYITAIIEEQPKNYQVWHHRRVLVEWLKDPSQELEFIADILNQDAKNYHAWQHRQWVIQEFR
LWDNELQYVDQLLKEDVRNNSVWNQRHFVISNTTGYSDRAVLEREVQYTLEMIKLVPHNESAWNYLKGILQDRGLSRYPN
LLNQLLDLQPSHSSPYLIAFLVDIYEDMLENQCDNKEDILNKALELCEILAKEKDTIRKEYWRYIGRSLQSKHSR
;
A
2 'polypeptide(L)'
;PLYSLRPEHARERLQDDSVETVTSIEQAKVEEKIQEVFSSYKFNHLVPRLVLQREKHFHYLKRGLRQLTDAYECLDASRP
WLCYWILHSLELLDEPIPQIVATDVCQFLELCQSPDGGFGGGPGQYPHLAPTYAAVNALCIIGTEEAYNVINREKLLQYL
YSLKQPDGSFLMHVGGEVDVRSAYCAASVASLTNIITPDLFEGTAEWIARCQNWEGGIGGVPGMEAHGGYTFCGLAALVI
LKKERSLNLKSLLQWVTSRQMRFEGGFQGRCNKLVDGCYSFWQAGLLPLLHRALHAQGDPALSMSHWMFHQQALQEYILM
CCQCPAGGLLDKPGKSRDFYHTCYCLSGLSIAQHFGSGAMLHDVVMGVPENVLQPTHPVYNIGPDKVIQATTHFLQKPVP
GF
;
B
#
# COMPACT_ATOMS: atom_id res chain seq x y z
N PHE A 1 5.30 2.19 36.18
CA PHE A 1 5.15 3.16 37.31
C PHE A 1 4.03 4.12 36.98
N LEU A 2 4.31 5.43 36.96
CA LEU A 2 3.30 6.43 36.67
C LEU A 2 2.73 6.32 35.24
N SER A 3 1.44 5.99 35.12
CA SER A 3 0.79 5.86 33.82
C SER A 3 0.82 7.20 33.12
N LEU A 4 1.19 7.19 31.84
CA LEU A 4 1.30 8.44 31.07
C LEU A 4 -0.01 9.16 30.89
N ASP A 5 -1.12 8.49 31.17
CA ASP A 5 -2.40 9.14 31.03
C ASP A 5 -3.16 9.26 32.35
N SER A 6 -2.40 9.23 33.44
CA SER A 6 -2.95 9.34 34.77
C SER A 6 -3.07 10.83 35.10
N PRO A 7 -4.13 11.21 35.85
CA PRO A 7 -4.31 12.62 36.18
C PRO A 7 -3.13 13.13 36.98
N THR A 8 -2.51 12.21 37.72
CA THR A 8 -1.36 12.55 38.57
C THR A 8 -0.07 12.69 37.78
N TYR A 9 0.14 11.83 36.78
CA TYR A 9 1.36 11.86 35.95
C TYR A 9 2.02 13.23 35.97
N VAL A 10 3.34 13.25 36.12
CA VAL A 10 4.08 14.52 36.17
C VAL A 10 5.27 14.54 35.19
N LEU A 11 5.51 15.70 34.58
CA LEU A 11 6.61 15.82 33.62
C LEU A 11 7.91 15.32 34.23
N TYR A 12 8.75 14.74 33.39
CA TYR A 12 10.04 14.22 33.83
C TYR A 12 10.88 15.34 34.40
N ARG A 13 10.97 16.44 33.65
CA ARG A 13 11.73 17.62 34.07
C ARG A 13 11.32 18.11 35.45
N ASP A 14 10.30 17.50 36.04
CA ASP A 14 9.86 17.92 37.37
C ASP A 14 10.07 16.78 38.35
N ARG A 15 10.52 15.65 37.82
CA ARG A 15 10.79 14.44 38.60
C ARG A 15 12.19 14.47 39.23
N ALA A 16 12.28 13.96 40.47
CA ALA A 16 13.53 13.91 41.20
C ALA A 16 14.49 12.96 40.51
N GLU A 17 14.21 11.65 40.62
CA GLU A 17 15.03 10.62 39.99
C GLU A 17 15.70 11.09 38.70
N TRP A 18 15.03 12.00 38.01
CA TRP A 18 15.55 12.55 36.77
C TRP A 18 16.00 13.99 37.03
N ALA A 19 16.99 14.13 37.90
CA ALA A 19 17.52 15.44 38.27
C ALA A 19 18.98 15.53 37.87
N ASP A 20 19.66 14.39 37.82
CA ASP A 20 21.06 14.34 37.44
C ASP A 20 21.18 14.36 35.94
N ILE A 21 20.11 13.94 35.26
CA ILE A 21 20.11 13.88 33.81
C ILE A 21 19.66 15.17 33.15
N ASP A 22 20.42 15.55 32.13
CA ASP A 22 20.11 16.75 31.38
C ASP A 22 19.48 16.27 30.07
N PRO A 23 18.22 16.61 29.87
CA PRO A 23 17.52 16.20 28.64
C PRO A 23 18.10 16.92 27.45
N VAL A 24 18.32 16.19 26.35
CA VAL A 24 18.88 16.83 25.17
C VAL A 24 17.80 17.16 24.14
N PRO A 25 17.66 18.45 23.81
CA PRO A 25 16.66 18.92 22.84
C PRO A 25 16.90 18.38 21.45
N GLN A 26 15.86 18.42 20.62
CA GLN A 26 15.97 17.93 19.25
C GLN A 26 16.83 18.91 18.45
N ASN A 27 17.58 18.41 17.48
CA ASN A 27 18.45 19.27 16.67
C ASN A 27 17.93 19.46 15.26
N ASP A 28 16.88 20.27 15.12
CA ASP A 28 16.28 20.53 13.83
C ASP A 28 17.13 21.43 12.93
N GLY A 29 17.89 22.33 13.57
CA GLY A 29 18.75 23.22 12.79
C GLY A 29 18.35 24.68 12.76
N PRO A 30 19.18 25.53 12.13
CA PRO A 30 18.93 26.97 12.03
C PRO A 30 17.58 27.23 11.36
N SER A 31 17.44 26.69 10.16
CA SER A 31 16.21 26.79 9.39
C SER A 31 15.52 25.42 9.48
N PRO A 32 14.47 25.31 10.30
CA PRO A 32 13.78 24.03 10.42
C PRO A 32 12.66 23.81 9.38
N VAL A 33 12.69 22.64 8.74
CA VAL A 33 11.71 22.25 7.76
C VAL A 33 10.76 21.27 8.44
N VAL A 34 9.53 21.18 7.96
CA VAL A 34 8.53 20.30 8.55
C VAL A 34 8.66 20.13 10.05
N GLN A 35 9.00 21.20 10.76
CA GLN A 35 9.13 21.11 12.22
C GLN A 35 7.77 20.88 12.84
N ILE A 36 7.70 20.00 13.85
CA ILE A 36 6.45 19.69 14.52
C ILE A 36 6.35 20.49 15.81
N ILE A 37 5.19 21.06 16.09
CA ILE A 37 5.04 21.82 17.33
C ILE A 37 4.61 20.83 18.39
N TYR A 38 5.60 20.15 18.96
CA TYR A 38 5.35 19.15 19.98
C TYR A 38 4.70 19.74 21.21
N SER A 39 3.82 18.96 21.83
CA SER A 39 3.17 19.39 23.05
C SER A 39 4.23 19.29 24.12
N GLU A 40 3.96 19.82 25.30
CA GLU A 40 4.90 19.78 26.41
C GLU A 40 5.22 18.33 26.81
N LYS A 41 4.19 17.56 27.11
CA LYS A 41 4.38 16.18 27.50
C LYS A 41 5.30 15.49 26.51
N PHE A 42 4.88 15.43 25.25
CA PHE A 42 5.67 14.77 24.24
C PHE A 42 7.13 15.22 24.22
N ARG A 43 7.36 16.52 24.11
CA ARG A 43 8.71 17.09 24.06
C ARG A 43 9.56 16.81 25.32
N ASP A 44 8.87 16.51 26.42
CA ASP A 44 9.50 16.19 27.68
C ASP A 44 10.08 14.79 27.51
N VAL A 45 9.19 13.81 27.53
CA VAL A 45 9.51 12.39 27.39
C VAL A 45 10.57 12.06 26.34
N TYR A 46 10.69 12.87 25.31
CA TYR A 46 11.67 12.54 24.29
C TYR A 46 13.02 13.21 24.45
N ASP A 47 13.03 14.48 24.83
CA ASP A 47 14.30 15.16 25.03
C ASP A 47 15.08 14.41 26.09
N TYR A 48 14.33 13.79 27.00
CA TYR A 48 14.98 13.03 28.05
C TYR A 48 15.46 11.71 27.45
N PHE A 49 14.55 10.97 26.80
CA PHE A 49 14.94 9.70 26.18
C PHE A 49 16.19 9.91 25.35
N ARG A 50 16.30 11.09 24.76
CA ARG A 50 17.48 11.40 23.95
C ARG A 50 18.70 11.21 24.84
N ALA A 51 18.66 11.79 26.03
CA ALA A 51 19.78 11.68 26.96
C ALA A 51 20.09 10.22 27.24
N VAL A 52 19.10 9.48 27.77
CA VAL A 52 19.28 8.06 28.07
C VAL A 52 19.87 7.31 26.88
N LEU A 53 19.34 7.56 25.70
CA LEU A 53 19.83 6.91 24.50
C LEU A 53 21.28 7.33 24.34
N GLN A 54 21.49 8.64 24.42
CA GLN A 54 22.82 9.25 24.27
C GLN A 54 23.90 8.64 25.15
N ARG A 55 23.60 8.46 26.43
CA ARG A 55 24.58 7.85 27.34
C ARG A 55 24.23 6.38 27.55
N ASP A 56 23.63 5.79 26.52
CA ASP A 56 23.23 4.39 26.56
C ASP A 56 23.08 3.91 27.99
N GLU A 57 22.31 4.65 28.76
CA GLU A 57 22.07 4.32 30.14
C GLU A 57 21.09 3.16 30.22
N ARG A 58 21.62 1.95 30.30
CA ARG A 58 20.79 0.76 30.40
C ARG A 58 20.13 0.68 31.76
N SER A 59 19.51 1.79 32.20
CA SER A 59 18.85 1.83 33.53
C SER A 59 17.41 1.31 33.57
N GLU A 60 16.83 1.34 34.76
CA GLU A 60 15.44 0.89 34.94
C GLU A 60 14.47 2.07 34.81
N ARG A 61 14.94 3.26 35.19
CA ARG A 61 14.14 4.45 35.10
C ARG A 61 13.93 4.72 33.62
N ALA A 62 14.85 4.20 32.81
CA ALA A 62 14.83 4.34 31.36
C ALA A 62 13.87 3.34 30.77
N PHE A 63 13.96 2.10 31.23
CA PHE A 63 13.07 1.07 30.72
C PHE A 63 11.65 1.56 30.88
N LYS A 64 11.41 2.30 31.96
CA LYS A 64 10.09 2.85 32.19
C LYS A 64 9.91 3.99 31.21
N LEU A 65 10.96 4.78 31.02
CA LEU A 65 10.92 5.91 30.12
C LEU A 65 10.47 5.56 28.71
N THR A 66 10.73 4.32 28.30
CA THR A 66 10.36 3.87 26.96
C THR A 66 8.88 3.49 26.84
N ARG A 67 8.28 3.11 27.96
CA ARG A 67 6.86 2.76 27.94
C ARG A 67 6.10 4.04 27.58
N ASP A 68 6.61 5.17 28.07
CA ASP A 68 5.99 6.48 27.82
C ASP A 68 6.33 6.98 26.44
N ALA A 69 7.61 7.12 26.16
CA ALA A 69 8.05 7.57 24.86
C ALA A 69 7.43 6.70 23.77
N ILE A 70 6.90 5.55 24.15
CA ILE A 70 6.27 4.66 23.18
C ILE A 70 4.79 5.00 23.08
N GLU A 71 4.17 5.33 24.20
CA GLU A 71 2.76 5.68 24.21
C GLU A 71 2.60 7.00 23.44
N LEU A 72 3.62 7.84 23.47
CA LEU A 72 3.54 9.11 22.77
C LEU A 72 3.80 8.95 21.28
N ASN A 73 4.12 7.72 20.85
CA ASN A 73 4.40 7.46 19.44
C ASN A 73 4.85 6.02 19.21
N ALA A 74 3.93 5.07 19.39
CA ALA A 74 4.24 3.66 19.24
C ALA A 74 4.81 3.27 17.89
N ALA A 75 4.98 4.26 17.01
CA ALA A 75 5.52 3.99 15.68
C ALA A 75 6.94 4.48 15.56
N ASN A 76 7.58 4.75 16.70
CA ASN A 76 8.96 5.23 16.72
C ASN A 76 9.89 4.04 16.93
N TYR A 77 10.40 3.50 15.83
CA TYR A 77 11.29 2.34 15.91
C TYR A 77 12.56 2.53 16.75
N THR A 78 13.30 3.61 16.53
CA THR A 78 14.53 3.84 17.32
C THR A 78 14.29 3.54 18.79
N VAL A 79 13.09 3.86 19.28
CA VAL A 79 12.74 3.64 20.67
C VAL A 79 12.32 2.22 20.99
N TRP A 80 11.65 1.55 20.06
CA TRP A 80 11.23 0.18 20.32
C TRP A 80 12.47 -0.68 20.50
N HIS A 81 13.52 -0.31 19.76
CA HIS A 81 14.75 -1.05 19.81
C HIS A 81 15.43 -0.89 21.16
N PHE A 82 15.70 0.35 21.54
CA PHE A 82 16.34 0.57 22.83
C PHE A 82 15.60 -0.21 23.89
N ARG A 83 14.29 -0.34 23.73
CA ARG A 83 13.53 -1.08 24.71
C ARG A 83 13.95 -2.53 24.67
N ARG A 84 14.06 -3.08 23.47
CA ARG A 84 14.47 -4.46 23.31
C ARG A 84 15.79 -4.60 24.01
N VAL A 85 16.69 -3.66 23.77
CA VAL A 85 18.00 -3.70 24.38
C VAL A 85 17.90 -3.68 25.89
N LEU A 86 16.94 -2.95 26.41
CA LEU A 86 16.80 -2.88 27.86
C LEU A 86 16.15 -4.13 28.42
N LEU A 87 15.29 -4.77 27.66
CA LEU A 87 14.65 -5.99 28.15
C LEU A 87 15.70 -7.07 28.35
N ARG A 88 16.68 -7.09 27.46
CA ARG A 88 17.73 -8.09 27.52
C ARG A 88 18.76 -7.75 28.58
N SER A 89 19.48 -6.66 28.36
CA SER A 89 20.49 -6.23 29.30
C SER A 89 19.95 -6.18 30.72
N LEU A 90 18.73 -5.64 30.89
CA LEU A 90 18.09 -5.54 32.21
C LEU A 90 17.50 -6.87 32.66
N GLN A 91 17.61 -7.89 31.82
CA GLN A 91 17.07 -9.19 32.19
C GLN A 91 15.67 -8.96 32.71
N LYS A 92 14.74 -8.63 31.83
CA LYS A 92 13.35 -8.37 32.21
C LYS A 92 12.45 -9.56 31.87
N ASP A 93 11.36 -9.71 32.61
CA ASP A 93 10.44 -10.82 32.37
C ASP A 93 9.58 -10.70 31.11
N LEU A 94 9.91 -11.52 30.12
CA LEU A 94 9.21 -11.52 28.85
C LEU A 94 7.72 -11.83 28.89
N GLN A 95 7.24 -12.35 30.01
CA GLN A 95 5.82 -12.64 30.11
C GLN A 95 5.16 -11.32 30.47
N GLU A 96 5.84 -10.56 31.31
CA GLU A 96 5.34 -9.26 31.70
C GLU A 96 5.25 -8.50 30.39
N GLU A 97 6.34 -8.52 29.62
CA GLU A 97 6.37 -7.84 28.35
C GLU A 97 5.31 -8.34 27.38
N MET A 98 4.86 -9.57 27.58
CA MET A 98 3.83 -10.16 26.71
C MET A 98 2.54 -9.42 27.02
N ASN A 99 2.26 -9.29 28.31
CA ASN A 99 1.08 -8.59 28.75
C ASN A 99 1.11 -7.17 28.22
N TYR A 100 2.25 -6.49 28.36
CA TYR A 100 2.35 -5.13 27.87
C TYR A 100 1.99 -5.05 26.38
N ILE A 101 2.72 -5.77 25.54
CA ILE A 101 2.45 -5.73 24.11
C ILE A 101 1.00 -6.11 23.78
N THR A 102 0.49 -7.14 24.42
CA THR A 102 -0.89 -7.56 24.19
C THR A 102 -1.82 -6.36 24.29
N ALA A 103 -1.76 -5.69 25.44
CA ALA A 103 -2.58 -4.52 25.69
C ALA A 103 -2.38 -3.44 24.63
N ILE A 104 -1.18 -2.86 24.62
CA ILE A 104 -0.84 -1.79 23.69
C ILE A 104 -1.19 -2.05 22.24
N ILE A 105 -1.37 -3.32 21.87
CA ILE A 105 -1.73 -3.64 20.50
C ILE A 105 -3.25 -3.51 20.36
N GLU A 106 -3.95 -3.75 21.46
CA GLU A 106 -5.39 -3.63 21.48
C GLU A 106 -5.72 -2.17 21.23
N GLU A 107 -4.81 -1.31 21.67
CA GLU A 107 -4.96 0.15 21.52
C GLU A 107 -4.68 0.63 20.10
N GLN A 108 -3.79 -0.07 19.40
CA GLN A 108 -3.43 0.30 18.03
C GLN A 108 -2.99 -0.93 17.26
N PRO A 109 -3.95 -1.74 16.81
CA PRO A 109 -3.63 -2.94 16.05
C PRO A 109 -3.29 -2.67 14.60
N LYS A 110 -3.11 -1.41 14.25
CA LYS A 110 -2.77 -1.03 12.88
C LYS A 110 -1.40 -0.37 12.88
N ASN A 111 -0.50 -0.91 13.68
CA ASN A 111 0.85 -0.37 13.81
C ASN A 111 1.87 -1.46 13.55
N TYR A 112 2.93 -1.11 12.83
CA TYR A 112 3.97 -2.08 12.50
C TYR A 112 4.86 -2.54 13.65
N GLN A 113 5.25 -1.63 14.54
CA GLN A 113 6.13 -1.99 15.66
C GLN A 113 5.48 -2.84 16.73
N VAL A 114 4.27 -2.46 17.15
CA VAL A 114 3.60 -3.22 18.18
C VAL A 114 3.56 -4.69 17.83
N TRP A 115 3.37 -4.98 16.55
CA TRP A 115 3.27 -6.36 16.08
C TRP A 115 4.63 -7.02 15.93
N HIS A 116 5.62 -6.26 15.50
CA HIS A 116 6.94 -6.83 15.32
C HIS A 116 7.49 -7.19 16.69
N HIS A 117 7.11 -6.39 17.69
CA HIS A 117 7.55 -6.62 19.06
C HIS A 117 7.01 -7.97 19.52
N ARG A 118 5.73 -8.20 19.24
CA ARG A 118 5.08 -9.45 19.61
C ARG A 118 5.85 -10.65 19.07
N ARG A 119 6.12 -10.63 17.77
CA ARG A 119 6.85 -11.70 17.13
C ARG A 119 8.15 -12.02 17.87
N VAL A 120 8.99 -11.00 18.07
CA VAL A 120 10.26 -11.15 18.77
C VAL A 120 10.10 -11.88 20.10
N LEU A 121 9.26 -11.35 20.99
CA LEU A 121 9.04 -11.99 22.28
C LEU A 121 8.68 -13.46 22.13
N VAL A 122 7.87 -13.78 21.12
CA VAL A 122 7.45 -15.15 20.85
C VAL A 122 8.63 -15.96 20.33
N GLU A 123 9.58 -15.27 19.71
CA GLU A 123 10.76 -15.93 19.18
C GLU A 123 11.75 -16.08 20.32
N TRP A 124 11.65 -15.20 21.31
CA TRP A 124 12.55 -15.29 22.47
C TRP A 124 12.07 -16.36 23.43
N LEU A 125 10.78 -16.29 23.75
CA LEU A 125 10.14 -17.22 24.67
C LEU A 125 9.77 -18.50 23.94
N LYS A 126 10.14 -18.59 22.68
CA LYS A 126 9.84 -19.77 21.88
C LYS A 126 8.54 -20.38 22.39
N ASP A 127 7.47 -19.60 22.41
CA ASP A 127 6.19 -20.08 22.91
C ASP A 127 5.01 -19.30 22.35
N PRO A 128 4.19 -19.94 21.50
CA PRO A 128 3.02 -19.30 20.88
C PRO A 128 1.73 -19.68 21.59
N SER A 129 1.88 -20.31 22.75
CA SER A 129 0.74 -20.76 23.53
C SER A 129 -0.46 -19.83 23.52
N GLN A 130 -0.23 -18.52 23.40
CA GLN A 130 -1.35 -17.59 23.42
C GLN A 130 -1.53 -16.75 22.17
N GLU A 131 -1.07 -17.25 21.02
CA GLU A 131 -1.15 -16.48 19.80
C GLU A 131 -2.51 -16.53 19.11
N LEU A 132 -2.78 -17.63 18.45
CA LEU A 132 -4.03 -17.83 17.71
C LEU A 132 -5.30 -17.37 18.41
N GLU A 133 -5.19 -16.89 19.63
CA GLU A 133 -6.38 -16.48 20.35
C GLU A 133 -6.42 -14.99 20.63
N PHE A 134 -5.27 -14.38 20.81
CA PHE A 134 -5.25 -12.94 21.06
C PHE A 134 -5.45 -12.29 19.70
N ILE A 135 -5.00 -13.00 18.67
CA ILE A 135 -5.11 -12.57 17.30
C ILE A 135 -6.56 -12.65 16.88
N ALA A 136 -7.29 -13.59 17.45
CA ALA A 136 -8.70 -13.72 17.12
C ALA A 136 -9.42 -12.64 17.88
N ASP A 137 -8.83 -12.20 18.98
CA ASP A 137 -9.44 -11.14 19.77
C ASP A 137 -9.46 -9.87 18.93
N ILE A 138 -8.33 -9.59 18.30
CA ILE A 138 -8.16 -8.44 17.42
C ILE A 138 -9.05 -8.60 16.18
N LEU A 139 -8.98 -9.76 15.54
CA LEU A 139 -9.77 -10.03 14.36
C LEU A 139 -11.25 -10.04 14.69
N ASN A 140 -11.55 -9.86 15.97
CA ASN A 140 -12.94 -9.83 16.41
C ASN A 140 -13.33 -8.38 16.47
N GLN A 141 -12.34 -7.50 16.49
CA GLN A 141 -12.57 -6.06 16.54
C GLN A 141 -12.42 -5.54 15.13
N ASP A 142 -11.78 -6.34 14.28
CA ASP A 142 -11.56 -5.96 12.89
C ASP A 142 -11.05 -7.17 12.14
N ALA A 143 -11.96 -7.86 11.47
CA ALA A 143 -11.64 -9.06 10.72
C ALA A 143 -10.68 -8.87 9.55
N LYS A 144 -10.38 -7.65 9.18
CA LYS A 144 -9.50 -7.45 8.05
C LYS A 144 -8.16 -6.79 8.38
N ASN A 145 -7.80 -6.77 9.65
CA ASN A 145 -6.52 -6.18 10.09
C ASN A 145 -5.36 -6.89 9.40
N TYR A 146 -4.72 -6.22 8.45
CA TYR A 146 -3.61 -6.79 7.70
C TYR A 146 -2.50 -7.37 8.56
N HIS A 147 -2.20 -6.69 9.65
CA HIS A 147 -1.14 -7.15 10.52
C HIS A 147 -1.55 -8.40 11.28
N ALA A 148 -2.79 -8.42 11.73
CA ALA A 148 -3.33 -9.54 12.49
C ALA A 148 -3.29 -10.84 11.69
N TRP A 149 -3.64 -10.77 10.42
CA TRP A 149 -3.62 -11.94 9.57
C TRP A 149 -2.19 -12.33 9.22
N GLN A 150 -1.28 -11.35 9.26
CA GLN A 150 0.12 -11.60 8.96
C GLN A 150 0.76 -12.33 10.13
N HIS A 151 0.50 -11.83 11.32
CA HIS A 151 1.02 -12.43 12.54
C HIS A 151 0.51 -13.85 12.65
N ARG A 152 -0.77 -14.01 12.31
CA ARG A 152 -1.45 -15.30 12.38
C ARG A 152 -0.83 -16.32 11.43
N GLN A 153 -0.41 -15.86 10.27
CA GLN A 153 0.20 -16.74 9.29
C GLN A 153 1.51 -17.23 9.87
N TRP A 154 2.33 -16.28 10.29
CA TRP A 154 3.61 -16.60 10.87
C TRP A 154 3.42 -17.61 12.00
N VAL A 155 2.69 -17.22 13.03
CA VAL A 155 2.41 -18.10 14.17
C VAL A 155 2.13 -19.51 13.70
N ILE A 156 1.27 -19.63 12.70
CA ILE A 156 0.89 -20.94 12.16
C ILE A 156 2.01 -21.67 11.43
N GLN A 157 2.77 -20.95 10.63
CA GLN A 157 3.86 -21.58 9.88
C GLN A 157 4.96 -22.05 10.83
N GLU A 158 5.60 -21.10 11.49
CA GLU A 158 6.69 -21.36 12.43
C GLU A 158 6.51 -22.54 13.38
N PHE A 159 5.43 -22.52 14.16
CA PHE A 159 5.14 -23.58 15.11
C PHE A 159 4.20 -24.65 14.55
N ARG A 160 3.98 -24.60 13.25
CA ARG A 160 3.14 -25.57 12.56
C ARG A 160 1.73 -25.71 13.13
N LEU A 161 1.17 -24.61 13.64
CA LEU A 161 -0.18 -24.68 14.21
C LEU A 161 -1.32 -24.74 13.18
N TRP A 162 -1.21 -25.64 12.21
CA TRP A 162 -2.26 -25.77 11.20
C TRP A 162 -3.52 -26.33 11.82
N ASP A 163 -3.95 -27.47 11.32
CA ASP A 163 -5.14 -28.09 11.85
C ASP A 163 -6.31 -27.11 11.84
N ASN A 164 -6.90 -26.92 13.02
CA ASN A 164 -8.05 -26.06 13.24
C ASN A 164 -8.20 -24.71 12.54
N GLU A 165 -7.38 -24.40 11.54
CA GLU A 165 -7.52 -23.12 10.88
C GLU A 165 -8.74 -23.07 9.97
N LEU A 166 -8.95 -24.12 9.19
CA LEU A 166 -10.10 -24.16 8.31
C LEU A 166 -11.33 -24.07 9.19
N GLN A 167 -11.23 -24.60 10.40
CA GLN A 167 -12.35 -24.56 11.33
C GLN A 167 -12.46 -23.13 11.83
N TYR A 168 -11.50 -22.30 11.44
CA TYR A 168 -11.50 -20.89 11.83
C TYR A 168 -12.00 -20.09 10.64
N VAL A 169 -11.37 -20.30 9.50
CA VAL A 169 -11.76 -19.60 8.29
C VAL A 169 -13.21 -19.96 7.96
N ASP A 170 -13.63 -21.17 8.32
CA ASP A 170 -15.00 -21.59 8.05
C ASP A 170 -15.96 -20.80 8.91
N GLN A 171 -15.51 -20.49 10.13
CA GLN A 171 -16.29 -19.72 11.09
C GLN A 171 -16.54 -18.32 10.52
N LEU A 172 -15.47 -17.54 10.43
CA LEU A 172 -15.53 -16.18 9.93
C LEU A 172 -16.19 -16.06 8.57
N LEU A 173 -16.00 -17.04 7.70
CA LEU A 173 -16.61 -16.98 6.39
C LEU A 173 -18.11 -16.92 6.54
N LYS A 174 -18.64 -17.73 7.45
CA LYS A 174 -20.08 -17.72 7.69
C LYS A 174 -20.35 -16.39 8.37
N GLU A 175 -19.36 -15.90 9.11
CA GLU A 175 -19.49 -14.62 9.82
C GLU A 175 -19.70 -13.46 8.85
N ASP A 176 -19.13 -13.57 7.66
CA ASP A 176 -19.24 -12.55 6.63
C ASP A 176 -18.39 -13.06 5.45
N VAL A 177 -19.07 -13.73 4.53
CA VAL A 177 -18.43 -14.31 3.35
C VAL A 177 -17.82 -13.30 2.41
N ARG A 178 -18.07 -12.02 2.67
CA ARG A 178 -17.55 -10.95 1.83
C ARG A 178 -16.13 -10.59 2.26
N ASN A 179 -15.70 -11.19 3.37
CA ASN A 179 -14.36 -10.97 3.90
C ASN A 179 -13.37 -11.62 2.98
N ASN A 180 -12.41 -10.85 2.48
CA ASN A 180 -11.41 -11.36 1.58
C ASN A 180 -10.19 -11.87 2.33
N SER A 181 -10.08 -11.50 3.59
CA SER A 181 -8.93 -11.92 4.39
C SER A 181 -9.00 -13.41 4.70
N VAL A 182 -10.19 -13.85 5.12
CA VAL A 182 -10.45 -15.24 5.48
C VAL A 182 -10.38 -16.13 4.26
N TRP A 183 -10.74 -15.58 3.11
CA TRP A 183 -10.71 -16.34 1.87
C TRP A 183 -9.24 -16.55 1.52
N ASN A 184 -8.41 -15.63 1.97
CA ASN A 184 -6.98 -15.72 1.71
C ASN A 184 -6.39 -16.70 2.70
N GLN A 185 -6.84 -16.60 3.95
CA GLN A 185 -6.35 -17.50 4.97
C GLN A 185 -6.79 -18.91 4.63
N ARG A 186 -7.84 -19.03 3.84
CA ARG A 186 -8.36 -20.33 3.44
C ARG A 186 -7.41 -20.95 2.44
N HIS A 187 -7.03 -20.17 1.44
CA HIS A 187 -6.13 -20.69 0.44
C HIS A 187 -4.81 -20.97 1.11
N PHE A 188 -4.55 -20.26 2.21
CA PHE A 188 -3.30 -20.42 2.94
C PHE A 188 -3.19 -21.77 3.62
N VAL A 189 -4.19 -22.10 4.43
CA VAL A 189 -4.19 -23.38 5.11
C VAL A 189 -4.06 -24.49 4.11
N ILE A 190 -5.14 -24.73 3.39
CA ILE A 190 -5.14 -25.78 2.39
C ILE A 190 -3.83 -25.86 1.62
N SER A 191 -3.59 -24.91 0.74
CA SER A 191 -2.38 -24.94 -0.06
C SER A 191 -1.14 -25.36 0.73
N ASN A 192 -1.06 -24.98 2.00
CA ASN A 192 0.12 -25.32 2.82
C ASN A 192 0.03 -26.63 3.57
N THR A 193 -1.17 -27.16 3.74
CA THR A 193 -1.33 -28.43 4.41
C THR A 193 -1.68 -29.53 3.41
N THR A 194 -2.98 -29.72 3.21
CA THR A 194 -3.48 -30.73 2.30
C THR A 194 -3.30 -30.41 0.82
N GLY A 195 -2.96 -29.15 0.51
CA GLY A 195 -2.77 -28.76 -0.87
C GLY A 195 -4.06 -28.81 -1.65
N TYR A 196 -4.00 -28.50 -2.94
CA TYR A 196 -5.20 -28.52 -3.78
C TYR A 196 -5.15 -29.61 -4.85
N SER A 197 -3.96 -30.14 -5.11
CA SER A 197 -3.79 -31.18 -6.12
C SER A 197 -4.74 -32.34 -5.79
N ASP A 198 -4.95 -32.56 -4.52
CA ASP A 198 -5.83 -33.61 -4.09
C ASP A 198 -7.21 -33.31 -4.67
N ARG A 199 -7.64 -34.15 -5.60
CA ARG A 199 -8.93 -34.00 -6.27
C ARG A 199 -10.11 -33.81 -5.33
N ALA A 200 -10.21 -34.66 -4.32
CA ALA A 200 -11.31 -34.58 -3.35
C ALA A 200 -11.51 -33.18 -2.79
N VAL A 201 -10.55 -32.73 -1.99
CA VAL A 201 -10.60 -31.40 -1.37
C VAL A 201 -10.99 -30.35 -2.38
N LEU A 202 -10.23 -30.27 -3.47
CA LEU A 202 -10.52 -29.31 -4.52
C LEU A 202 -12.01 -29.48 -4.80
N GLU A 203 -12.33 -30.60 -5.44
CA GLU A 203 -13.71 -30.94 -5.77
C GLU A 203 -14.62 -30.38 -4.68
N ARG A 204 -14.13 -30.45 -3.45
CA ARG A 204 -14.86 -29.98 -2.29
C ARG A 204 -14.93 -28.46 -2.21
N GLU A 205 -13.77 -27.82 -2.20
CA GLU A 205 -13.76 -26.35 -2.11
C GLU A 205 -14.60 -25.80 -3.25
N VAL A 206 -14.38 -26.34 -4.44
CA VAL A 206 -15.12 -25.91 -5.62
C VAL A 206 -16.62 -25.82 -5.31
N GLN A 207 -17.20 -26.89 -4.81
CA GLN A 207 -18.62 -26.87 -4.49
C GLN A 207 -18.86 -25.71 -3.55
N TYR A 208 -18.42 -25.92 -2.31
CA TYR A 208 -18.56 -24.92 -1.25
C TYR A 208 -18.53 -23.50 -1.77
N THR A 209 -17.51 -23.20 -2.56
CA THR A 209 -17.37 -21.87 -3.12
C THR A 209 -18.62 -21.57 -3.94
N LEU A 210 -18.80 -22.37 -4.98
CA LEU A 210 -19.94 -22.23 -5.88
C LEU A 210 -21.22 -21.91 -5.16
N GLU A 211 -21.47 -22.60 -4.05
CA GLU A 211 -22.70 -22.32 -3.30
C GLU A 211 -22.70 -20.84 -2.95
N MET A 212 -21.62 -20.38 -2.30
CA MET A 212 -21.52 -18.97 -1.97
C MET A 212 -21.73 -18.19 -3.28
N ILE A 213 -20.91 -18.52 -4.28
CA ILE A 213 -20.97 -17.90 -5.59
C ILE A 213 -22.39 -17.97 -6.15
N LYS A 214 -23.24 -18.71 -5.45
CA LYS A 214 -24.60 -18.85 -5.90
C LYS A 214 -25.50 -18.63 -4.69
N LEU A 215 -24.93 -18.02 -3.67
CA LEU A 215 -25.63 -17.72 -2.44
C LEU A 215 -25.56 -16.21 -2.25
N VAL A 216 -24.55 -15.63 -2.89
CA VAL A 216 -24.31 -14.19 -2.87
C VAL A 216 -23.58 -14.00 -4.18
N PRO A 217 -24.31 -14.19 -5.31
CA PRO A 217 -23.81 -14.08 -6.69
C PRO A 217 -23.06 -12.80 -7.00
N HIS A 218 -23.10 -11.84 -6.08
CA HIS A 218 -22.42 -10.58 -6.31
C HIS A 218 -21.20 -10.39 -5.39
N ASN A 219 -20.76 -11.47 -4.76
CA ASN A 219 -19.59 -11.42 -3.90
C ASN A 219 -18.40 -11.72 -4.80
N GLU A 220 -17.58 -10.72 -5.07
CA GLU A 220 -16.42 -10.91 -5.93
C GLU A 220 -15.36 -11.77 -5.25
N SER A 221 -15.54 -12.04 -3.96
CA SER A 221 -14.57 -12.86 -3.22
C SER A 221 -14.66 -14.32 -3.65
N ALA A 222 -15.83 -14.91 -3.46
CA ALA A 222 -16.04 -16.30 -3.84
C ALA A 222 -15.73 -16.49 -5.31
N TRP A 223 -15.89 -15.43 -6.08
CA TRP A 223 -15.63 -15.47 -7.51
C TRP A 223 -14.14 -15.49 -7.80
N ASN A 224 -13.41 -14.52 -7.27
CA ASN A 224 -11.97 -14.45 -7.49
C ASN A 224 -11.28 -15.69 -6.92
N TYR A 225 -11.88 -16.27 -5.88
CA TYR A 225 -11.34 -17.46 -5.24
C TYR A 225 -11.59 -18.71 -6.06
N LEU A 226 -12.81 -18.86 -6.59
CA LEU A 226 -13.14 -20.03 -7.39
C LEU A 226 -12.24 -20.09 -8.62
N LYS A 227 -11.95 -18.94 -9.19
CA LYS A 227 -11.07 -18.89 -10.34
C LYS A 227 -9.69 -19.00 -9.73
N GLY A 228 -9.60 -18.66 -8.45
CA GLY A 228 -8.34 -18.72 -7.75
C GLY A 228 -7.62 -20.05 -7.86
N ILE A 229 -8.36 -21.14 -7.70
CA ILE A 229 -7.76 -22.48 -7.78
C ILE A 229 -7.84 -23.18 -9.12
N LEU A 230 -9.01 -23.17 -9.74
CA LEU A 230 -9.18 -23.82 -11.02
C LEU A 230 -8.28 -23.14 -12.04
N GLN A 231 -7.94 -21.89 -11.75
CA GLN A 231 -7.10 -21.09 -12.64
C GLN A 231 -5.76 -21.70 -12.95
N ASP A 232 -5.13 -22.35 -11.98
CA ASP A 232 -3.84 -22.97 -12.26
C ASP A 232 -4.07 -24.42 -12.66
N ARG A 233 -3.86 -24.67 -13.94
CA ARG A 233 -4.08 -25.99 -14.53
C ARG A 233 -4.70 -25.62 -15.87
N GLY A 234 -5.51 -24.57 -15.82
CA GLY A 234 -6.19 -24.07 -16.99
C GLY A 234 -7.68 -24.02 -16.69
N LEU A 235 -8.30 -22.87 -16.83
CA LEU A 235 -9.72 -22.77 -16.57
C LEU A 235 -10.43 -23.66 -17.59
N SER A 236 -9.69 -24.04 -18.63
CA SER A 236 -10.22 -24.86 -19.72
C SER A 236 -10.04 -26.35 -19.57
N ARG A 237 -9.59 -26.79 -18.40
CA ARG A 237 -9.39 -28.22 -18.15
C ARG A 237 -10.70 -28.82 -17.67
N TYR A 238 -11.49 -27.96 -17.03
CA TYR A 238 -12.78 -28.36 -16.49
C TYR A 238 -13.95 -28.02 -17.40
N PRO A 239 -14.32 -28.96 -18.28
CA PRO A 239 -15.45 -28.69 -19.18
C PRO A 239 -16.69 -28.29 -18.37
N ASN A 240 -17.33 -29.30 -17.76
CA ASN A 240 -18.53 -29.09 -16.94
C ASN A 240 -18.72 -27.64 -16.54
N LEU A 241 -18.02 -27.25 -15.48
CA LEU A 241 -18.04 -25.89 -14.93
C LEU A 241 -18.73 -24.84 -15.79
N LEU A 242 -18.13 -24.54 -16.94
CA LEU A 242 -18.70 -23.54 -17.84
C LEU A 242 -20.23 -23.56 -17.78
N ASN A 243 -20.83 -24.51 -18.49
CA ASN A 243 -22.28 -24.63 -18.52
C ASN A 243 -22.78 -24.53 -17.08
N GLN A 244 -22.16 -25.28 -16.19
CA GLN A 244 -22.55 -25.29 -14.78
C GLN A 244 -22.69 -23.85 -14.31
N LEU A 245 -22.00 -22.95 -15.01
CA LEU A 245 -22.04 -21.53 -14.71
C LEU A 245 -23.07 -20.92 -15.64
N LEU A 246 -22.90 -21.17 -16.93
CA LEU A 246 -23.83 -20.66 -17.94
C LEU A 246 -25.20 -20.89 -17.35
N ASP A 247 -25.30 -21.97 -16.59
CA ASP A 247 -26.54 -22.37 -15.92
C ASP A 247 -26.92 -21.41 -14.79
N LEU A 248 -26.40 -20.19 -14.86
CA LEU A 248 -26.71 -19.20 -13.84
C LEU A 248 -26.98 -17.89 -14.55
N GLN A 249 -26.56 -17.81 -15.82
CA GLN A 249 -26.74 -16.60 -16.61
C GLN A 249 -27.99 -15.90 -16.10
N PRO A 250 -29.17 -16.45 -16.41
CA PRO A 250 -30.36 -15.76 -15.90
C PRO A 250 -30.34 -15.81 -14.36
N SER A 251 -30.55 -17.01 -13.83
CA SER A 251 -30.55 -17.29 -12.39
C SER A 251 -29.64 -16.37 -11.55
N HIS A 252 -28.34 -16.63 -11.54
CA HIS A 252 -27.43 -15.76 -10.79
C HIS A 252 -26.41 -15.16 -11.75
N SER A 253 -26.64 -13.91 -12.15
CA SER A 253 -25.76 -13.21 -13.07
C SER A 253 -25.08 -12.02 -12.41
N SER A 254 -23.99 -11.57 -13.02
CA SER A 254 -23.21 -10.45 -12.51
C SER A 254 -22.03 -10.35 -13.45
N PRO A 255 -21.31 -9.21 -13.43
CA PRO A 255 -20.18 -9.12 -14.35
C PRO A 255 -19.16 -10.19 -14.03
N TYR A 256 -19.22 -10.70 -12.80
CA TYR A 256 -18.30 -11.74 -12.35
C TYR A 256 -18.50 -13.00 -13.17
N LEU A 257 -19.76 -13.45 -13.25
CA LEU A 257 -20.11 -14.64 -14.01
C LEU A 257 -19.67 -14.48 -15.46
N ILE A 258 -20.22 -13.47 -16.14
CA ILE A 258 -19.85 -13.23 -17.54
C ILE A 258 -18.35 -13.14 -17.74
N ALA A 259 -17.68 -12.46 -16.81
CA ALA A 259 -16.23 -12.30 -16.89
C ALA A 259 -15.53 -13.65 -16.73
N PHE A 260 -16.14 -14.51 -15.92
CA PHE A 260 -15.60 -15.85 -15.69
C PHE A 260 -15.65 -16.53 -17.05
N LEU A 261 -16.84 -16.50 -17.67
CA LEU A 261 -17.04 -17.11 -18.98
C LEU A 261 -16.04 -16.62 -20.01
N VAL A 262 -15.72 -15.33 -19.95
CA VAL A 262 -14.76 -14.74 -20.88
C VAL A 262 -13.39 -15.30 -20.53
N ASP A 263 -13.16 -15.49 -19.24
CA ASP A 263 -11.89 -16.02 -18.71
C ASP A 263 -11.67 -17.43 -19.24
N ILE A 264 -12.74 -18.21 -19.29
CA ILE A 264 -12.70 -19.59 -19.77
C ILE A 264 -12.44 -19.66 -21.27
N TYR A 265 -13.14 -18.82 -22.04
CA TYR A 265 -13.00 -18.80 -23.49
C TYR A 265 -11.57 -18.44 -23.86
N GLU A 266 -10.86 -17.90 -22.90
CA GLU A 266 -9.46 -17.48 -23.09
C GLU A 266 -8.48 -18.64 -22.95
N ASP A 267 -8.92 -19.71 -22.29
CA ASP A 267 -8.08 -20.89 -22.14
C ASP A 267 -8.60 -21.88 -23.15
N MET A 268 -9.92 -21.90 -23.29
CA MET A 268 -10.57 -22.76 -24.26
C MET A 268 -10.12 -22.38 -25.65
N LEU A 269 -9.13 -21.49 -25.73
CA LEU A 269 -8.61 -21.03 -26.99
C LEU A 269 -7.09 -21.15 -26.99
N GLU A 270 -6.51 -21.11 -25.79
CA GLU A 270 -5.07 -21.24 -25.70
C GLU A 270 -4.73 -22.69 -26.11
N ASN A 271 -5.31 -23.68 -25.42
CA ASN A 271 -5.06 -25.07 -25.82
C ASN A 271 -5.93 -25.32 -27.04
N GLN A 272 -5.37 -24.97 -28.19
CA GLN A 272 -6.05 -25.10 -29.48
C GLN A 272 -7.26 -26.03 -29.48
N CYS A 273 -8.43 -25.44 -29.29
CA CYS A 273 -9.68 -26.19 -29.28
C CYS A 273 -10.36 -26.20 -30.64
N ASP A 274 -11.64 -26.54 -30.63
CA ASP A 274 -12.47 -26.62 -31.82
C ASP A 274 -13.72 -25.74 -31.65
N ASN A 275 -13.86 -24.76 -32.53
CA ASN A 275 -14.97 -23.79 -32.53
C ASN A 275 -14.40 -22.41 -32.34
N LYS A 276 -13.11 -22.25 -32.65
CA LYS A 276 -12.42 -20.96 -32.53
C LYS A 276 -13.47 -19.89 -32.76
N GLU A 277 -14.03 -19.90 -33.96
CA GLU A 277 -15.07 -18.96 -34.34
C GLU A 277 -16.32 -19.46 -33.67
N ASP A 278 -16.56 -18.95 -32.48
CA ASP A 278 -17.71 -19.30 -31.65
C ASP A 278 -17.26 -18.93 -30.27
N ILE A 279 -15.95 -19.02 -30.09
CA ILE A 279 -15.31 -18.65 -28.84
C ILE A 279 -14.79 -17.27 -29.23
N LEU A 280 -13.94 -17.26 -30.25
CA LEU A 280 -13.38 -16.01 -30.75
C LEU A 280 -14.49 -15.26 -31.46
N ASN A 281 -15.70 -15.38 -30.92
CA ASN A 281 -16.87 -14.71 -31.45
C ASN A 281 -17.75 -14.43 -30.24
N LYS A 282 -18.10 -15.48 -29.50
CA LYS A 282 -18.94 -15.35 -28.30
C LYS A 282 -18.14 -14.75 -27.14
N ALA A 283 -16.82 -14.77 -27.28
CA ALA A 283 -15.93 -14.22 -26.26
C ALA A 283 -15.72 -12.73 -26.51
N LEU A 284 -15.58 -12.37 -27.79
CA LEU A 284 -15.39 -10.96 -28.12
C LEU A 284 -16.73 -10.30 -27.85
N GLU A 285 -17.78 -11.08 -28.03
CA GLU A 285 -19.11 -10.59 -27.80
C GLU A 285 -19.13 -10.00 -26.40
N LEU A 286 -18.90 -10.87 -25.42
CA LEU A 286 -18.91 -10.50 -24.00
C LEU A 286 -18.06 -9.29 -23.60
N CYS A 287 -16.80 -9.26 -24.03
CA CYS A 287 -15.93 -8.14 -23.66
C CYS A 287 -16.66 -6.87 -24.00
N GLU A 288 -17.60 -7.00 -24.92
CA GLU A 288 -18.39 -5.89 -25.38
C GLU A 288 -19.61 -5.61 -24.52
N ILE A 289 -20.33 -6.66 -24.14
CA ILE A 289 -21.49 -6.43 -23.29
C ILE A 289 -20.96 -5.94 -21.95
N LEU A 290 -19.69 -6.26 -21.68
CA LEU A 290 -19.03 -5.86 -20.44
C LEU A 290 -18.43 -4.46 -20.59
N ALA A 291 -17.63 -4.27 -21.63
CA ALA A 291 -16.98 -2.99 -21.88
C ALA A 291 -17.91 -1.92 -22.39
N LYS A 292 -19.08 -2.32 -22.88
CA LYS A 292 -20.04 -1.37 -23.43
C LYS A 292 -21.22 -1.12 -22.49
N GLU A 293 -21.56 -2.08 -21.64
CA GLU A 293 -22.68 -1.85 -20.77
C GLU A 293 -22.64 -2.50 -19.40
N LYS A 294 -22.21 -3.75 -19.36
CA LYS A 294 -22.17 -4.50 -18.12
C LYS A 294 -21.10 -4.10 -17.09
N ASP A 295 -19.87 -3.96 -17.56
CA ASP A 295 -18.75 -3.65 -16.69
C ASP A 295 -17.94 -2.52 -17.31
N THR A 296 -18.61 -1.46 -17.71
CA THR A 296 -17.97 -0.32 -18.36
C THR A 296 -16.86 0.43 -17.62
N ILE A 297 -16.83 0.37 -16.28
CA ILE A 297 -15.79 1.09 -15.56
C ILE A 297 -14.39 0.67 -16.02
N ARG A 298 -14.24 -0.59 -16.39
CA ARG A 298 -12.97 -1.07 -16.88
C ARG A 298 -13.21 -1.32 -18.34
N LYS A 299 -13.65 -0.27 -19.03
CA LYS A 299 -13.95 -0.35 -20.45
C LYS A 299 -12.68 -0.53 -21.27
N GLU A 300 -11.63 0.20 -20.90
CA GLU A 300 -10.35 0.12 -21.60
C GLU A 300 -9.69 -1.23 -21.37
N TYR A 301 -10.13 -1.93 -20.33
CA TYR A 301 -9.57 -3.24 -20.04
C TYR A 301 -10.20 -4.24 -20.98
N TRP A 302 -11.52 -4.39 -20.83
CA TRP A 302 -12.30 -5.30 -21.66
C TRP A 302 -12.04 -5.10 -23.13
N ARG A 303 -12.05 -3.85 -23.58
CA ARG A 303 -11.79 -3.59 -24.98
C ARG A 303 -10.40 -4.12 -25.30
N TYR A 304 -9.49 -4.06 -24.33
CA TYR A 304 -8.14 -4.56 -24.53
C TYR A 304 -8.15 -6.07 -24.71
N ILE A 305 -8.93 -6.75 -23.89
CA ILE A 305 -9.00 -8.21 -23.96
C ILE A 305 -9.35 -8.60 -25.39
N GLY A 306 -10.58 -8.26 -25.79
CA GLY A 306 -11.03 -8.57 -27.13
C GLY A 306 -10.07 -8.09 -28.20
N ARG A 307 -9.18 -7.17 -27.86
CA ARG A 307 -8.22 -6.68 -28.82
C ARG A 307 -6.97 -7.56 -28.79
N SER A 308 -6.82 -8.34 -27.71
CA SER A 308 -5.66 -9.22 -27.56
C SER A 308 -5.89 -10.52 -28.31
N LEU A 309 -7.02 -11.15 -28.01
CA LEU A 309 -7.41 -12.41 -28.62
C LEU A 309 -7.23 -12.31 -30.13
N GLN A 310 -7.62 -11.17 -30.70
CA GLN A 310 -7.51 -10.94 -32.12
C GLN A 310 -6.13 -11.29 -32.66
N SER A 311 -5.10 -10.60 -32.18
CA SER A 311 -3.75 -10.88 -32.64
C SER A 311 -3.40 -12.33 -32.29
N LYS A 312 -3.32 -12.63 -31.00
CA LYS A 312 -2.99 -13.99 -30.57
C LYS A 312 -4.26 -14.79 -30.27
N LEU B 2 -20.45 14.12 -17.61
CA LEU B 2 -19.71 13.55 -16.45
C LEU B 2 -20.15 12.12 -16.22
N TYR B 3 -19.28 11.17 -16.57
CA TYR B 3 -19.58 9.76 -16.42
C TYR B 3 -20.22 9.46 -15.08
N SER B 4 -19.73 10.11 -14.03
CA SER B 4 -20.24 9.88 -12.70
C SER B 4 -21.61 10.46 -12.47
N LEU B 5 -21.91 11.59 -13.08
CA LEU B 5 -23.22 12.20 -12.89
C LEU B 5 -24.23 11.60 -13.86
N ARG B 6 -23.75 10.82 -14.82
CA ARG B 6 -24.61 10.18 -15.80
C ARG B 6 -25.68 9.39 -15.05
N PRO B 7 -26.91 9.32 -15.60
CA PRO B 7 -28.06 8.61 -15.01
C PRO B 7 -27.95 7.10 -14.95
N GLU B 8 -27.34 6.51 -15.96
CA GLU B 8 -27.17 5.07 -15.97
C GLU B 8 -26.28 4.66 -14.77
N HIS B 9 -25.28 5.47 -14.48
CA HIS B 9 -24.35 5.22 -13.37
C HIS B 9 -25.05 4.69 -12.13
N ALA B 10 -26.18 5.30 -11.80
CA ALA B 10 -26.93 4.89 -10.63
C ALA B 10 -27.10 3.37 -10.55
N ARG B 11 -27.17 2.70 -11.69
CA ARG B 11 -27.34 1.25 -11.69
C ARG B 11 -26.04 0.54 -11.29
N GLU B 12 -24.99 1.32 -11.02
CA GLU B 12 -23.67 0.81 -10.61
C GLU B 12 -23.59 0.64 -9.09
N ARG B 13 -24.70 0.85 -8.41
CA ARG B 13 -24.70 0.72 -6.96
C ARG B 13 -24.41 -0.72 -6.56
N LEU B 14 -24.43 -1.00 -5.26
CA LEU B 14 -24.14 -2.33 -4.74
C LEU B 14 -25.34 -3.25 -4.66
N GLN B 15 -25.15 -4.50 -5.08
CA GLN B 15 -26.20 -5.50 -5.01
C GLN B 15 -25.82 -6.46 -3.92
N ASP B 16 -26.29 -6.20 -2.71
CA ASP B 16 -25.96 -7.08 -1.60
C ASP B 16 -26.73 -8.39 -1.64
N ASP B 17 -27.17 -8.78 -2.83
CA ASP B 17 -27.91 -10.01 -3.02
C ASP B 17 -28.79 -10.36 -1.84
N SER B 18 -29.39 -9.33 -1.26
CA SER B 18 -30.26 -9.49 -0.13
C SER B 18 -29.61 -10.10 1.10
N VAL B 19 -28.32 -10.41 1.02
CA VAL B 19 -27.60 -10.94 2.17
C VAL B 19 -26.73 -9.81 2.75
N GLU B 20 -27.07 -9.35 3.95
CA GLU B 20 -26.33 -8.28 4.62
C GLU B 20 -25.16 -8.78 5.49
N THR B 21 -24.03 -8.09 5.40
CA THR B 21 -22.83 -8.40 6.20
C THR B 21 -22.10 -7.10 6.53
N VAL B 22 -21.04 -7.18 7.32
CA VAL B 22 -20.29 -5.98 7.70
C VAL B 22 -19.66 -5.35 6.46
N THR B 23 -19.27 -6.19 5.52
CA THR B 23 -18.64 -5.70 4.31
C THR B 23 -19.61 -4.85 3.49
N SER B 24 -20.66 -5.49 2.97
CA SER B 24 -21.67 -4.78 2.17
C SER B 24 -22.16 -3.54 2.90
N ILE B 25 -22.54 -3.73 4.16
CA ILE B 25 -23.02 -2.63 4.98
C ILE B 25 -22.12 -1.40 4.93
N GLU B 26 -20.85 -1.58 5.28
CA GLU B 26 -19.93 -0.46 5.29
C GLU B 26 -19.79 0.14 3.91
N GLN B 27 -19.89 -0.68 2.89
CA GLN B 27 -19.78 -0.21 1.52
C GLN B 27 -21.04 0.60 1.17
N ALA B 28 -22.16 0.20 1.75
CA ALA B 28 -23.43 0.88 1.52
C ALA B 28 -23.32 2.29 2.05
N LYS B 29 -22.75 2.43 3.24
CA LYS B 29 -22.58 3.73 3.87
C LYS B 29 -21.84 4.71 2.98
N VAL B 30 -20.79 4.21 2.34
CA VAL B 30 -19.95 5.03 1.46
C VAL B 30 -20.58 5.32 0.12
N GLU B 31 -21.16 4.28 -0.48
CA GLU B 31 -21.82 4.42 -1.76
C GLU B 31 -22.89 5.50 -1.65
N GLU B 32 -23.55 5.56 -0.51
CA GLU B 32 -24.59 6.56 -0.28
C GLU B 32 -23.94 7.90 0.01
N LYS B 33 -22.85 7.88 0.77
CA LYS B 33 -22.16 9.14 1.07
C LYS B 33 -21.75 9.79 -0.23
N ILE B 34 -21.00 9.05 -1.04
CA ILE B 34 -20.52 9.54 -2.33
C ILE B 34 -21.65 10.06 -3.20
N GLN B 35 -22.78 9.36 -3.18
CA GLN B 35 -23.94 9.78 -3.96
C GLN B 35 -24.20 11.26 -3.70
N GLU B 36 -24.52 11.57 -2.45
CA GLU B 36 -24.81 12.93 -2.00
C GLU B 36 -23.93 14.00 -2.63
N VAL B 37 -22.63 13.75 -2.69
CA VAL B 37 -21.73 14.73 -3.26
C VAL B 37 -21.88 14.72 -4.77
N PHE B 38 -22.31 13.60 -5.32
CA PHE B 38 -22.50 13.54 -6.75
C PHE B 38 -23.69 14.43 -7.09
N SER B 39 -24.83 14.17 -6.44
CA SER B 39 -26.05 14.93 -6.67
C SER B 39 -26.08 16.27 -5.97
N SER B 40 -24.99 16.62 -5.30
CA SER B 40 -24.93 17.90 -4.61
C SER B 40 -25.33 18.98 -5.60
N TYR B 41 -24.74 18.91 -6.80
CA TYR B 41 -24.98 19.85 -7.90
C TYR B 41 -26.43 19.90 -8.35
N LYS B 42 -26.87 18.80 -8.97
CA LYS B 42 -28.23 18.67 -9.48
C LYS B 42 -29.22 18.83 -8.33
N PHE B 43 -28.70 19.28 -7.18
CA PHE B 43 -29.52 19.48 -6.00
C PHE B 43 -29.61 20.95 -5.69
N ASN B 44 -28.50 21.66 -5.81
CA ASN B 44 -28.53 23.09 -5.55
C ASN B 44 -28.84 23.77 -6.86
N HIS B 45 -29.07 22.97 -7.89
CA HIS B 45 -29.37 23.52 -9.19
C HIS B 45 -28.20 24.39 -9.61
N LEU B 46 -27.07 23.73 -9.81
CA LEU B 46 -25.85 24.41 -10.22
C LEU B 46 -25.17 23.54 -11.27
N VAL B 47 -24.42 24.18 -12.17
CA VAL B 47 -23.73 23.45 -13.20
C VAL B 47 -22.42 22.85 -12.66
N PRO B 48 -22.27 21.51 -12.75
CA PRO B 48 -21.07 20.79 -12.29
C PRO B 48 -19.81 21.41 -12.92
N ARG B 49 -18.91 21.86 -12.06
CA ARG B 49 -17.67 22.49 -12.51
C ARG B 49 -16.53 21.91 -11.67
N LEU B 50 -15.74 21.02 -12.25
CA LEU B 50 -14.64 20.37 -11.52
C LEU B 50 -13.31 21.12 -11.52
N VAL B 51 -13.00 21.77 -10.39
CA VAL B 51 -11.73 22.49 -10.30
C VAL B 51 -10.86 21.95 -9.17
N LEU B 52 -9.58 22.21 -9.25
CA LEU B 52 -8.63 21.77 -8.25
C LEU B 52 -8.21 23.03 -7.52
N GLN B 53 -8.53 23.12 -6.22
CA GLN B 53 -8.20 24.29 -5.41
C GLN B 53 -6.70 24.49 -5.27
N ARG B 54 -5.97 24.45 -6.38
CA ARG B 54 -4.53 24.63 -6.35
C ARG B 54 -4.11 25.62 -5.27
N GLU B 55 -4.74 26.78 -5.28
CA GLU B 55 -4.44 27.84 -4.34
C GLU B 55 -4.63 27.48 -2.87
N LYS B 56 -5.69 26.72 -2.57
CA LYS B 56 -5.99 26.30 -1.20
C LYS B 56 -5.12 25.13 -0.72
N HIS B 57 -4.58 24.37 -1.68
CA HIS B 57 -3.69 23.23 -1.41
C HIS B 57 -2.30 23.79 -1.22
N PHE B 58 -2.05 24.88 -1.90
CA PHE B 58 -0.75 25.51 -1.82
C PHE B 58 -0.47 26.13 -0.49
N HIS B 59 -1.46 26.77 0.12
CA HIS B 59 -1.20 27.41 1.39
C HIS B 59 -1.19 26.38 2.49
N TYR B 60 -2.03 25.37 2.34
CA TYR B 60 -2.10 24.28 3.31
C TYR B 60 -0.72 23.62 3.39
N LEU B 61 -0.08 23.48 2.23
CA LEU B 61 1.23 22.85 2.13
C LEU B 61 2.38 23.78 2.45
N LYS B 62 2.52 24.83 1.64
CA LYS B 62 3.58 25.83 1.79
C LYS B 62 4.08 25.93 3.23
N ARG B 63 3.15 26.13 4.17
CA ARG B 63 3.52 26.24 5.57
C ARG B 63 3.75 24.88 6.22
N GLY B 64 2.92 23.89 5.87
CA GLY B 64 3.07 22.58 6.45
C GLY B 64 4.52 22.12 6.30
N LEU B 65 5.13 22.52 5.20
CA LEU B 65 6.52 22.16 4.91
C LEU B 65 7.50 22.84 5.83
N ARG B 66 7.00 23.66 6.74
CA ARG B 66 7.92 24.35 7.61
C ARG B 66 7.53 24.24 9.06
N GLN B 67 6.31 23.78 9.32
CA GLN B 67 5.86 23.65 10.70
C GLN B 67 4.49 22.99 10.72
N LEU B 68 4.26 22.14 11.73
CA LEU B 68 3.00 21.43 11.85
C LEU B 68 2.57 21.39 13.31
N THR B 69 1.32 21.03 13.56
CA THR B 69 0.81 20.96 14.92
C THR B 69 1.18 19.65 15.61
N ASP B 70 0.88 19.58 16.92
CA ASP B 70 1.19 18.38 17.66
C ASP B 70 0.25 17.27 17.29
N ALA B 71 -0.39 17.43 16.13
CA ALA B 71 -1.29 16.39 15.64
C ALA B 71 -0.44 15.48 14.79
N TYR B 72 0.68 16.03 14.31
CA TYR B 72 1.60 15.27 13.49
C TYR B 72 2.71 14.67 14.35
N GLU B 73 2.46 14.52 15.64
CA GLU B 73 3.46 13.96 16.55
C GLU B 73 3.67 12.47 16.21
N CYS B 74 2.58 11.80 15.88
CA CYS B 74 2.61 10.37 15.55
C CYS B 74 3.48 10.08 14.33
N LEU B 75 3.94 11.15 13.69
CA LEU B 75 4.79 11.05 12.52
C LEU B 75 6.12 11.70 12.85
N ASP B 76 6.42 11.73 14.15
CA ASP B 76 7.65 12.33 14.62
C ASP B 76 8.81 11.50 14.12
N ALA B 77 8.49 10.28 13.69
CA ALA B 77 9.49 9.37 13.18
C ALA B 77 9.42 9.22 11.65
N SER B 78 8.63 10.07 11.00
CA SER B 78 8.48 10.02 9.56
C SER B 78 8.61 11.38 8.92
N ARG B 79 9.35 12.27 9.57
CA ARG B 79 9.51 13.60 9.03
C ARG B 79 10.05 13.62 7.61
N PRO B 80 11.01 12.74 7.28
CA PRO B 80 11.50 12.78 5.90
C PRO B 80 10.34 12.47 4.97
N TRP B 81 9.46 11.58 5.42
CA TRP B 81 8.30 11.24 4.62
C TRP B 81 7.53 12.53 4.40
N LEU B 82 7.25 13.24 5.49
CA LEU B 82 6.51 14.49 5.40
C LEU B 82 7.10 15.42 4.35
N CYS B 83 8.41 15.44 4.23
CA CYS B 83 9.03 16.31 3.25
C CYS B 83 8.68 15.90 1.83
N TYR B 84 8.89 14.63 1.53
CA TYR B 84 8.61 14.13 0.20
C TYR B 84 7.17 14.40 -0.23
N TRP B 85 6.25 14.15 0.69
CA TRP B 85 4.84 14.34 0.42
C TRP B 85 4.49 15.77 0.04
N ILE B 86 5.00 16.72 0.82
CA ILE B 86 4.73 18.11 0.52
C ILE B 86 5.50 18.46 -0.74
N LEU B 87 6.82 18.34 -0.67
CA LEU B 87 7.69 18.64 -1.79
C LEU B 87 7.15 18.15 -3.13
N HIS B 88 6.84 16.86 -3.21
CA HIS B 88 6.32 16.26 -4.43
C HIS B 88 5.00 16.93 -4.79
N SER B 89 4.19 17.18 -3.76
CA SER B 89 2.90 17.82 -3.95
C SER B 89 3.09 19.18 -4.60
N LEU B 90 3.91 20.01 -3.99
CA LEU B 90 4.19 21.33 -4.52
C LEU B 90 4.70 21.18 -5.93
N GLU B 91 5.55 20.18 -6.11
CA GLU B 91 6.14 19.90 -7.41
C GLU B 91 5.03 19.54 -8.40
N LEU B 92 4.08 18.74 -7.94
CA LEU B 92 2.97 18.31 -8.76
C LEU B 92 2.02 19.45 -9.08
N LEU B 93 1.93 20.42 -8.18
CA LEU B 93 1.07 21.55 -8.40
C LEU B 93 1.89 22.53 -9.22
N ASP B 94 3.09 22.10 -9.58
CA ASP B 94 3.97 22.93 -10.36
C ASP B 94 4.25 24.24 -9.64
N GLU B 95 4.74 24.13 -8.41
CA GLU B 95 5.07 25.29 -7.59
C GLU B 95 6.59 25.38 -7.42
N PRO B 96 7.07 26.53 -6.96
CA PRO B 96 8.52 26.70 -6.79
C PRO B 96 9.04 26.39 -5.40
N ILE B 97 10.21 25.76 -5.37
CA ILE B 97 10.88 25.43 -4.13
C ILE B 97 12.12 26.34 -4.17
N PRO B 98 12.03 27.50 -3.52
CA PRO B 98 13.12 28.49 -3.47
C PRO B 98 14.51 27.87 -3.33
N GLN B 99 15.55 28.70 -3.48
CA GLN B 99 16.92 28.23 -3.35
C GLN B 99 17.22 28.34 -1.87
N ILE B 100 16.28 28.96 -1.19
CA ILE B 100 16.35 29.14 0.24
C ILE B 100 15.91 27.81 0.82
N VAL B 101 14.59 27.66 0.94
CA VAL B 101 13.95 26.49 1.50
C VAL B 101 14.60 25.17 1.10
N ALA B 102 14.94 25.03 -0.17
CA ALA B 102 15.58 23.79 -0.61
C ALA B 102 16.78 23.53 0.31
N THR B 103 17.69 24.50 0.36
CA THR B 103 18.88 24.39 1.20
C THR B 103 18.51 24.07 2.64
N ASP B 104 17.38 24.63 3.08
CA ASP B 104 16.92 24.38 4.44
C ASP B 104 16.60 22.90 4.56
N VAL B 105 15.92 22.37 3.55
CA VAL B 105 15.56 20.97 3.52
C VAL B 105 16.84 20.16 3.53
N CYS B 106 17.64 20.31 2.48
CA CYS B 106 18.91 19.61 2.38
C CYS B 106 19.52 19.47 3.77
N GLN B 107 19.78 20.59 4.42
CA GLN B 107 20.37 20.63 5.75
C GLN B 107 19.59 19.81 6.77
N PHE B 108 18.28 19.66 6.58
CA PHE B 108 17.48 18.88 7.52
C PHE B 108 17.70 17.39 7.32
N LEU B 109 17.55 16.93 6.09
CA LEU B 109 17.75 15.51 5.77
C LEU B 109 19.12 15.07 6.23
N GLU B 110 20.07 15.99 6.16
CA GLU B 110 21.43 15.72 6.58
C GLU B 110 21.41 15.10 7.97
N LEU B 111 21.06 15.90 8.97
CA LEU B 111 21.00 15.46 10.36
C LEU B 111 20.15 14.23 10.49
N CYS B 112 19.24 14.04 9.54
CA CYS B 112 18.37 12.88 9.55
C CYS B 112 19.19 11.66 9.18
N GLN B 113 20.13 11.87 8.25
CA GLN B 113 21.00 10.79 7.81
C GLN B 113 21.83 10.28 8.96
N SER B 114 22.32 9.06 8.80
CA SER B 114 23.11 8.43 9.84
C SER B 114 24.53 8.13 9.39
N PRO B 115 25.49 8.28 10.32
CA PRO B 115 26.89 8.00 10.00
C PRO B 115 27.08 6.51 9.67
N ASP B 116 25.98 5.77 9.65
CA ASP B 116 26.03 4.36 9.31
C ASP B 116 25.62 4.15 7.87
N GLY B 117 25.02 5.18 7.26
CA GLY B 117 24.62 5.07 5.87
C GLY B 117 23.15 5.25 5.52
N GLY B 118 22.26 5.12 6.50
CA GLY B 118 20.85 5.28 6.18
C GLY B 118 20.29 6.66 6.51
N PHE B 119 18.97 6.72 6.61
CA PHE B 119 18.23 7.94 6.93
C PHE B 119 17.17 7.61 7.97
N GLY B 120 17.20 8.30 9.10
CA GLY B 120 16.23 8.04 10.14
C GLY B 120 14.93 8.71 9.79
N GLY B 121 14.00 8.75 10.74
CA GLY B 121 12.72 9.39 10.49
C GLY B 121 12.69 10.75 11.19
N GLY B 122 13.88 11.21 11.58
CA GLY B 122 14.02 12.48 12.26
C GLY B 122 15.45 12.61 12.75
N PRO B 123 15.97 13.84 12.96
CA PRO B 123 17.34 14.08 13.43
C PRO B 123 17.83 13.12 14.49
N GLY B 124 18.86 12.36 14.17
CA GLY B 124 19.44 11.42 15.12
C GLY B 124 18.54 10.23 15.44
N GLN B 125 18.08 9.54 14.41
CA GLN B 125 17.22 8.38 14.60
C GLN B 125 17.84 7.26 13.78
N TYR B 126 17.83 6.04 14.30
CA TYR B 126 18.42 4.93 13.56
C TYR B 126 17.88 4.91 12.13
N PRO B 127 18.72 4.55 11.15
CA PRO B 127 18.26 4.52 9.77
C PRO B 127 17.12 3.54 9.53
N HIS B 128 16.30 3.85 8.53
CA HIS B 128 15.17 3.02 8.18
C HIS B 128 15.07 3.16 6.67
N LEU B 129 14.52 2.15 6.00
CA LEU B 129 14.39 2.20 4.56
C LEU B 129 13.26 3.10 4.03
N ALA B 130 12.19 3.26 4.80
CA ALA B 130 11.09 4.12 4.35
C ALA B 130 11.59 5.57 4.33
N PRO B 131 12.04 6.10 5.47
CA PRO B 131 12.54 7.47 5.51
C PRO B 131 13.71 7.70 4.54
N THR B 132 14.50 6.66 4.35
CA THR B 132 15.64 6.73 3.45
C THR B 132 15.08 6.91 2.03
N TYR B 133 14.07 6.13 1.69
CA TYR B 133 13.45 6.22 0.37
C TYR B 133 12.88 7.63 0.14
N ALA B 134 12.14 8.13 1.13
CA ALA B 134 11.54 9.44 1.02
C ALA B 134 12.60 10.53 0.99
N ALA B 135 13.62 10.40 1.84
CA ALA B 135 14.71 11.36 1.92
C ALA B 135 15.37 11.52 0.55
N VAL B 136 15.86 10.41 0.00
CA VAL B 136 16.49 10.45 -1.31
C VAL B 136 15.56 11.14 -2.29
N ASN B 137 14.37 10.58 -2.47
CA ASN B 137 13.34 11.11 -3.37
C ASN B 137 13.20 12.63 -3.26
N ALA B 138 13.11 13.12 -2.03
CA ALA B 138 12.97 14.56 -1.78
C ALA B 138 14.21 15.33 -2.20
N LEU B 139 15.37 14.72 -2.03
CA LEU B 139 16.63 15.35 -2.39
C LEU B 139 16.82 15.34 -3.91
N CYS B 140 16.05 14.50 -4.59
CA CYS B 140 16.13 14.39 -6.03
C CYS B 140 15.11 15.30 -6.68
N ILE B 141 14.16 15.75 -5.87
CA ILE B 141 13.10 16.66 -6.34
C ILE B 141 13.72 18.07 -6.35
N ILE B 142 14.88 18.20 -5.69
CA ILE B 142 15.56 19.48 -5.64
C ILE B 142 16.48 19.51 -6.86
N GLY B 143 17.46 18.61 -6.89
CA GLY B 143 18.38 18.57 -8.00
C GLY B 143 19.71 19.22 -7.69
N THR B 144 19.66 20.46 -7.21
CA THR B 144 20.86 21.21 -6.84
C THR B 144 22.00 20.34 -6.32
N GLU B 145 23.20 20.60 -6.85
CA GLU B 145 24.42 19.89 -6.47
C GLU B 145 24.42 19.57 -4.99
N GLU B 146 24.16 20.58 -4.17
CA GLU B 146 24.14 20.38 -2.74
C GLU B 146 23.23 19.21 -2.36
N ALA B 147 22.06 19.17 -2.98
CA ALA B 147 21.10 18.11 -2.71
C ALA B 147 21.72 16.76 -3.06
N TYR B 148 21.89 16.50 -4.35
CA TYR B 148 22.47 15.25 -4.83
C TYR B 148 23.62 14.79 -3.95
N ASN B 149 24.43 15.75 -3.51
CA ASN B 149 25.57 15.43 -2.66
C ASN B 149 24.97 14.78 -1.43
N VAL B 150 25.05 15.46 -0.30
CA VAL B 150 24.49 14.96 0.96
C VAL B 150 24.49 13.44 1.09
N ILE B 151 23.74 12.79 0.21
CA ILE B 151 23.64 11.34 0.19
C ILE B 151 25.01 10.66 0.08
N ASN B 152 25.41 10.01 1.17
CA ASN B 152 26.69 9.30 1.22
C ASN B 152 26.48 7.98 0.53
N ARG B 153 26.57 8.00 -0.80
CA ARG B 153 26.36 6.79 -1.59
C ARG B 153 27.07 5.56 -1.07
N GLU B 154 28.33 5.71 -0.71
CA GLU B 154 29.12 4.60 -0.19
C GLU B 154 28.41 3.96 0.99
N LYS B 155 28.31 4.71 2.07
CA LYS B 155 27.65 4.20 3.27
C LYS B 155 26.24 3.73 2.95
N LEU B 156 25.66 4.27 1.90
CA LEU B 156 24.31 3.87 1.52
C LEU B 156 24.31 2.41 1.15
N LEU B 157 25.22 2.02 0.25
CA LEU B 157 25.31 0.63 -0.16
C LEU B 157 25.67 -0.18 1.08
N GLN B 158 26.59 0.34 1.88
CA GLN B 158 26.99 -0.34 3.10
C GLN B 158 25.72 -0.67 3.88
N TYR B 159 24.83 0.30 3.95
CA TYR B 159 23.56 0.14 4.65
C TYR B 159 22.68 -0.90 3.97
N LEU B 160 22.42 -0.68 2.68
CA LEU B 160 21.57 -1.60 1.91
C LEU B 160 22.08 -3.01 2.09
N TYR B 161 23.37 -3.12 2.30
CA TYR B 161 24.02 -4.40 2.49
C TYR B 161 23.74 -4.94 3.89
N SER B 162 23.63 -4.04 4.85
CA SER B 162 23.36 -4.43 6.22
C SER B 162 21.94 -4.95 6.32
N LEU B 163 21.21 -4.91 5.21
CA LEU B 163 19.83 -5.35 5.22
C LEU B 163 19.52 -6.52 4.31
N LYS B 164 20.28 -6.64 3.22
CA LYS B 164 20.02 -7.73 2.29
C LYS B 164 19.87 -9.02 3.09
N GLN B 165 18.99 -9.89 2.64
CA GLN B 165 18.77 -11.14 3.33
C GLN B 165 19.23 -12.21 2.37
N PRO B 166 19.43 -13.44 2.85
CA PRO B 166 19.88 -14.47 1.92
C PRO B 166 18.80 -15.03 1.00
N ASP B 167 17.53 -14.95 1.38
CA ASP B 167 16.50 -15.47 0.49
C ASP B 167 16.07 -14.43 -0.53
N GLY B 168 16.78 -13.30 -0.55
CA GLY B 168 16.47 -12.25 -1.48
C GLY B 168 15.88 -11.01 -0.84
N SER B 169 14.82 -11.20 -0.07
CA SER B 169 14.13 -10.09 0.60
C SER B 169 15.08 -9.14 1.32
N PHE B 170 14.54 -8.04 1.83
CA PHE B 170 15.34 -7.03 2.52
C PHE B 170 14.71 -6.70 3.84
N LEU B 171 15.53 -6.20 4.76
CA LEU B 171 15.04 -5.81 6.08
C LEU B 171 14.61 -4.36 6.03
N MET B 172 13.52 -4.06 6.71
CA MET B 172 13.00 -2.69 6.74
C MET B 172 14.08 -1.83 7.39
N HIS B 173 14.67 -2.38 8.44
CA HIS B 173 15.73 -1.69 9.16
C HIS B 173 16.40 -2.69 10.11
N VAL B 174 17.69 -2.51 10.37
CA VAL B 174 18.43 -3.39 11.27
C VAL B 174 17.59 -3.72 12.52
N GLY B 175 17.13 -4.95 12.61
CA GLY B 175 16.32 -5.36 13.73
C GLY B 175 14.83 -5.30 13.46
N GLY B 176 14.49 -4.85 12.26
CA GLY B 176 13.09 -4.72 11.90
C GLY B 176 12.46 -5.90 11.16
N GLU B 177 11.47 -5.61 10.33
CA GLU B 177 10.76 -6.65 9.60
C GLU B 177 11.03 -6.66 8.09
N VAL B 178 10.45 -7.64 7.42
CA VAL B 178 10.61 -7.79 5.99
C VAL B 178 9.27 -7.89 5.26
N ASP B 179 9.08 -7.01 4.28
CA ASP B 179 7.89 -7.01 3.44
C ASP B 179 8.33 -6.31 2.15
N VAL B 180 7.68 -6.66 1.03
CA VAL B 180 8.02 -6.09 -0.27
C VAL B 180 8.44 -4.62 -0.26
N ARG B 181 7.81 -3.82 0.60
CA ARG B 181 8.12 -2.39 0.67
C ARG B 181 9.61 -2.12 0.68
N SER B 182 10.36 -2.94 1.42
CA SER B 182 11.80 -2.75 1.52
C SER B 182 12.48 -3.00 0.19
N ALA B 183 11.99 -3.99 -0.54
CA ALA B 183 12.56 -4.32 -1.83
C ALA B 183 12.56 -3.11 -2.73
N TYR B 184 11.38 -2.53 -2.90
CA TYR B 184 11.23 -1.37 -3.75
C TYR B 184 11.97 -0.17 -3.17
N CYS B 185 11.84 0.02 -1.86
CA CYS B 185 12.51 1.14 -1.24
C CYS B 185 13.98 1.07 -1.58
N ALA B 186 14.60 -0.05 -1.26
CA ALA B 186 16.02 -0.22 -1.54
C ALA B 186 16.34 -0.14 -3.04
N ALA B 187 15.44 -0.66 -3.86
CA ALA B 187 15.64 -0.67 -5.31
C ALA B 187 15.52 0.72 -5.93
N SER B 188 14.64 1.54 -5.36
CA SER B 188 14.44 2.91 -5.85
C SER B 188 15.66 3.79 -5.57
N VAL B 189 16.19 3.69 -4.35
CA VAL B 189 17.34 4.48 -3.97
C VAL B 189 18.64 3.99 -4.61
N ALA B 190 18.98 2.73 -4.40
CA ALA B 190 20.20 2.15 -4.97
C ALA B 190 20.31 2.42 -6.47
N SER B 191 19.20 2.38 -7.18
CA SER B 191 19.24 2.63 -8.62
C SER B 191 19.46 4.10 -8.89
N LEU B 192 18.65 4.95 -8.24
CA LEU B 192 18.78 6.39 -8.43
C LEU B 192 20.16 6.93 -8.06
N THR B 193 20.80 6.32 -7.06
CA THR B 193 22.11 6.78 -6.61
C THR B 193 23.25 6.14 -7.38
N ASN B 194 22.91 5.32 -8.37
CA ASN B 194 23.94 4.68 -9.17
C ASN B 194 24.83 3.74 -8.33
N ILE B 195 24.33 3.28 -7.18
CA ILE B 195 25.13 2.41 -6.31
C ILE B 195 24.86 0.92 -6.40
N ILE B 196 24.06 0.50 -7.37
CA ILE B 196 23.77 -0.93 -7.50
C ILE B 196 24.98 -1.75 -7.94
N THR B 197 25.13 -2.94 -7.36
CA THR B 197 26.24 -3.81 -7.73
C THR B 197 25.69 -5.06 -8.42
N PRO B 198 26.56 -5.83 -9.08
CA PRO B 198 26.08 -7.03 -9.76
C PRO B 198 25.45 -8.07 -8.84
N ASP B 199 25.52 -7.82 -7.53
CA ASP B 199 24.97 -8.78 -6.58
C ASP B 199 23.97 -8.15 -5.62
N LEU B 200 24.18 -6.88 -5.30
CA LEU B 200 23.31 -6.18 -4.37
C LEU B 200 21.91 -6.77 -4.29
N PHE B 201 21.27 -6.94 -5.44
CA PHE B 201 19.90 -7.45 -5.49
C PHE B 201 19.75 -8.86 -6.01
N GLU B 202 20.47 -9.80 -5.41
CA GLU B 202 20.38 -11.17 -5.86
C GLU B 202 19.22 -11.88 -5.16
N GLY B 203 18.44 -12.64 -5.92
CA GLY B 203 17.32 -13.37 -5.34
C GLY B 203 16.11 -12.53 -4.98
N THR B 204 16.22 -11.23 -5.14
CA THR B 204 15.11 -10.34 -4.82
C THR B 204 13.97 -10.56 -5.81
N ALA B 205 14.23 -10.28 -7.08
CA ALA B 205 13.20 -10.45 -8.10
C ALA B 205 12.49 -11.78 -7.86
N GLU B 206 13.27 -12.77 -7.44
CA GLU B 206 12.76 -14.10 -7.17
C GLU B 206 11.90 -14.16 -5.90
N TRP B 207 12.28 -13.41 -4.89
CA TRP B 207 11.49 -13.43 -3.67
C TRP B 207 10.27 -12.52 -3.80
N ILE B 208 10.43 -11.38 -4.49
CA ILE B 208 9.34 -10.43 -4.69
C ILE B 208 8.18 -11.18 -5.36
N ALA B 209 8.46 -11.75 -6.53
CA ALA B 209 7.46 -12.51 -7.26
C ALA B 209 6.81 -13.56 -6.38
N ARG B 210 7.62 -14.14 -5.49
CA ARG B 210 7.14 -15.15 -4.58
C ARG B 210 5.99 -14.64 -3.74
N CYS B 211 5.75 -13.32 -3.80
CA CYS B 211 4.68 -12.69 -3.04
C CYS B 211 3.36 -12.62 -3.81
N GLN B 212 3.43 -12.80 -5.12
CA GLN B 212 2.23 -12.79 -5.95
C GLN B 212 1.34 -13.94 -5.52
N ASN B 213 0.18 -13.65 -4.93
CA ASN B 213 -0.71 -14.70 -4.44
C ASN B 213 -1.75 -15.22 -5.42
N TRP B 214 -2.66 -16.05 -4.91
CA TRP B 214 -3.72 -16.67 -5.70
C TRP B 214 -4.71 -15.69 -6.31
N GLU B 215 -4.61 -14.41 -5.95
CA GLU B 215 -5.53 -13.41 -6.47
C GLU B 215 -4.83 -12.33 -7.32
N GLY B 216 -3.91 -12.74 -8.17
CA GLY B 216 -3.22 -11.80 -9.04
C GLY B 216 -2.39 -10.72 -8.38
N GLY B 217 -2.84 -10.23 -7.23
CA GLY B 217 -2.11 -9.17 -6.56
C GLY B 217 -0.82 -9.62 -5.89
N ILE B 218 -0.34 -8.82 -4.95
CA ILE B 218 0.89 -9.12 -4.22
C ILE B 218 0.65 -8.71 -2.77
N GLY B 219 1.18 -9.52 -1.85
CA GLY B 219 1.03 -9.24 -0.44
C GLY B 219 2.35 -8.79 0.12
N GLY B 220 2.36 -8.36 1.37
CA GLY B 220 3.60 -7.90 2.00
C GLY B 220 4.61 -9.01 2.08
N VAL B 221 4.14 -10.20 2.46
CA VAL B 221 4.97 -11.39 2.59
C VAL B 221 4.21 -12.57 2.02
N PRO B 222 4.93 -13.55 1.46
CA PRO B 222 4.28 -14.72 0.89
C PRO B 222 3.10 -15.24 1.73
N GLY B 223 2.03 -15.60 1.05
CA GLY B 223 0.84 -16.09 1.72
C GLY B 223 -0.06 -14.97 2.16
N MET B 224 0.43 -13.74 2.08
CA MET B 224 -0.37 -12.60 2.50
C MET B 224 -1.31 -12.04 1.43
N GLU B 225 -2.51 -11.69 1.86
CA GLU B 225 -3.53 -11.17 0.96
C GLU B 225 -2.98 -10.09 0.04
N ALA B 226 -3.54 -10.00 -1.17
CA ALA B 226 -3.13 -9.02 -2.17
C ALA B 226 -3.49 -7.63 -1.74
N HIS B 227 -2.52 -6.73 -1.83
CA HIS B 227 -2.73 -5.35 -1.42
C HIS B 227 -2.19 -4.37 -2.44
N GLY B 228 -2.84 -3.21 -2.54
CA GLY B 228 -2.40 -2.24 -3.52
C GLY B 228 -1.06 -1.59 -3.28
N GLY B 229 -0.75 -1.29 -2.02
CA GLY B 229 0.53 -0.65 -1.72
C GLY B 229 1.69 -1.58 -1.96
N TYR B 230 1.47 -2.86 -1.68
CA TYR B 230 2.50 -3.86 -1.84
C TYR B 230 2.66 -4.25 -3.30
N THR B 231 1.54 -4.40 -4.00
CA THR B 231 1.60 -4.76 -5.41
C THR B 231 2.37 -3.71 -6.20
N PHE B 232 2.17 -2.45 -5.86
CA PHE B 232 2.90 -1.39 -6.54
C PHE B 232 4.40 -1.58 -6.25
N CYS B 233 4.73 -1.70 -4.96
CA CYS B 233 6.11 -1.85 -4.54
C CYS B 233 6.77 -3.04 -5.23
N GLY B 234 6.03 -4.14 -5.35
CA GLY B 234 6.56 -5.34 -6.00
C GLY B 234 6.79 -5.15 -7.49
N LEU B 235 5.77 -4.69 -8.18
CA LEU B 235 5.85 -4.45 -9.61
C LEU B 235 6.87 -3.37 -9.93
N ALA B 236 6.83 -2.27 -9.19
CA ALA B 236 7.77 -1.17 -9.40
C ALA B 236 9.22 -1.60 -9.20
N ALA B 237 9.43 -2.44 -8.19
CA ALA B 237 10.76 -2.95 -7.86
C ALA B 237 11.21 -3.84 -9.00
N LEU B 238 10.32 -4.70 -9.46
CA LEU B 238 10.65 -5.57 -10.57
C LEU B 238 11.02 -4.75 -11.80
N VAL B 239 10.40 -3.58 -11.94
CA VAL B 239 10.69 -2.72 -13.08
C VAL B 239 12.11 -2.19 -12.95
N ILE B 240 12.45 -1.67 -11.76
CA ILE B 240 13.78 -1.15 -11.54
C ILE B 240 14.81 -2.23 -11.83
N LEU B 241 14.47 -3.47 -11.49
CA LEU B 241 15.35 -4.61 -11.70
C LEU B 241 15.23 -5.17 -13.10
N LYS B 242 14.14 -4.84 -13.79
CA LYS B 242 13.89 -5.30 -15.16
C LYS B 242 13.47 -6.77 -15.22
N LYS B 243 12.79 -7.23 -14.19
CA LYS B 243 12.33 -8.61 -14.13
C LYS B 243 10.83 -8.68 -14.16
N GLU B 244 10.20 -7.68 -14.76
CA GLU B 244 8.74 -7.66 -14.85
C GLU B 244 8.24 -9.08 -15.10
N ARG B 245 8.88 -9.70 -16.08
CA ARG B 245 8.54 -11.05 -16.51
C ARG B 245 8.56 -12.08 -15.40
N SER B 246 8.71 -11.65 -14.16
CA SER B 246 8.75 -12.59 -13.04
C SER B 246 7.35 -12.90 -12.52
N LEU B 247 6.40 -12.02 -12.79
CA LEU B 247 5.04 -12.26 -12.31
C LEU B 247 4.08 -12.63 -13.42
N ASN B 248 2.87 -12.98 -13.04
CA ASN B 248 1.87 -13.30 -14.04
C ASN B 248 1.22 -11.96 -14.32
N LEU B 249 1.88 -11.16 -15.16
CA LEU B 249 1.42 -9.82 -15.50
C LEU B 249 -0.05 -9.73 -15.90
N LYS B 250 -0.54 -10.74 -16.60
CA LYS B 250 -1.92 -10.75 -17.04
C LYS B 250 -2.87 -10.95 -15.86
N SER B 251 -2.41 -11.71 -14.88
CA SER B 251 -3.22 -11.99 -13.70
C SER B 251 -3.23 -10.80 -12.76
N LEU B 252 -2.11 -10.10 -12.67
CA LEU B 252 -2.02 -8.94 -11.81
C LEU B 252 -2.91 -7.84 -12.42
N LEU B 253 -2.82 -7.67 -13.73
CA LEU B 253 -3.62 -6.66 -14.41
C LEU B 253 -5.09 -6.83 -14.10
N GLN B 254 -5.60 -8.03 -14.35
CA GLN B 254 -7.00 -8.30 -14.10
C GLN B 254 -7.33 -7.99 -12.64
N TRP B 255 -6.38 -8.25 -11.75
CA TRP B 255 -6.62 -7.98 -10.34
C TRP B 255 -6.72 -6.49 -10.10
N VAL B 256 -5.69 -5.77 -10.52
CA VAL B 256 -5.68 -4.34 -10.33
C VAL B 256 -6.88 -3.67 -11.00
N THR B 257 -7.04 -3.88 -12.30
CA THR B 257 -8.16 -3.28 -13.03
C THR B 257 -9.42 -3.51 -12.24
N SER B 258 -9.50 -4.65 -11.56
CA SER B 258 -10.67 -4.99 -10.77
C SER B 258 -10.79 -4.16 -9.51
N ARG B 259 -9.72 -3.48 -9.14
CA ARG B 259 -9.74 -2.68 -7.92
C ARG B 259 -10.42 -1.31 -8.04
N GLN B 260 -10.76 -0.92 -9.26
CA GLN B 260 -11.44 0.35 -9.46
C GLN B 260 -12.91 0.13 -9.11
N MET B 261 -13.46 1.02 -8.28
CA MET B 261 -14.85 0.91 -7.86
C MET B 261 -15.76 1.28 -9.03
N ARG B 262 -16.75 0.45 -9.31
CA ARG B 262 -17.67 0.73 -10.41
C ARG B 262 -18.53 1.98 -10.15
N PHE B 263 -18.96 2.18 -8.91
CA PHE B 263 -19.76 3.34 -8.58
C PHE B 263 -18.91 4.54 -8.19
N GLU B 264 -18.23 4.44 -7.05
CA GLU B 264 -17.39 5.52 -6.57
C GLU B 264 -16.52 6.04 -7.70
N GLY B 265 -15.75 5.15 -8.33
CA GLY B 265 -14.89 5.58 -9.42
C GLY B 265 -13.44 5.49 -9.01
N GLY B 266 -13.20 5.58 -7.71
CA GLY B 266 -11.86 5.49 -7.19
C GLY B 266 -11.48 4.03 -6.99
N PHE B 267 -10.23 3.81 -6.59
CA PHE B 267 -9.69 2.48 -6.38
C PHE B 267 -9.77 2.02 -4.91
N GLN B 268 -9.87 0.72 -4.71
CA GLN B 268 -9.90 0.10 -3.38
C GLN B 268 -8.57 -0.63 -3.20
N GLY B 269 -8.07 -0.69 -1.96
CA GLY B 269 -6.79 -1.31 -1.72
C GLY B 269 -6.72 -2.82 -1.79
N ARG B 270 -7.82 -3.47 -1.40
CA ARG B 270 -7.91 -4.91 -1.42
C ARG B 270 -9.35 -5.26 -1.79
N CYS B 271 -9.55 -6.36 -2.50
CA CYS B 271 -10.90 -6.75 -2.89
C CYS B 271 -11.83 -6.75 -1.70
N ASN B 272 -12.98 -6.11 -1.86
CA ASN B 272 -14.02 -5.98 -0.84
C ASN B 272 -13.75 -5.04 0.34
N LYS B 273 -12.96 -4.01 0.06
CA LYS B 273 -12.67 -3.01 1.07
C LYS B 273 -13.16 -1.71 0.42
N LEU B 274 -13.17 -0.62 1.17
CA LEU B 274 -13.67 0.65 0.66
C LEU B 274 -12.69 1.38 -0.24
N VAL B 275 -13.15 2.49 -0.79
CA VAL B 275 -12.33 3.32 -1.66
C VAL B 275 -11.39 4.19 -0.81
N ASP B 276 -10.29 4.62 -1.40
CA ASP B 276 -9.34 5.48 -0.68
C ASP B 276 -8.47 6.26 -1.63
N GLY B 277 -8.57 7.58 -1.55
CA GLY B 277 -7.80 8.44 -2.40
C GLY B 277 -6.36 8.08 -2.70
N CYS B 278 -5.58 7.65 -1.71
CA CYS B 278 -4.17 7.34 -1.96
C CYS B 278 -3.98 6.17 -2.92
N TYR B 279 -4.96 5.26 -2.96
CA TYR B 279 -4.88 4.12 -3.85
C TYR B 279 -5.11 4.57 -5.29
N SER B 280 -5.34 5.86 -5.47
CA SER B 280 -5.53 6.41 -6.81
C SER B 280 -4.17 6.42 -7.47
N PHE B 281 -3.15 6.21 -6.65
CA PHE B 281 -1.77 6.15 -7.11
C PHE B 281 -1.20 4.74 -7.00
N TRP B 282 -1.35 4.16 -5.83
CA TRP B 282 -0.86 2.83 -5.59
C TRP B 282 -1.49 1.84 -6.53
N GLN B 283 -2.80 1.90 -6.68
CA GLN B 283 -3.48 0.98 -7.58
C GLN B 283 -3.38 1.49 -9.02
N ALA B 284 -4.01 2.62 -9.28
CA ALA B 284 -3.99 3.23 -10.60
C ALA B 284 -2.59 3.35 -11.16
N GLY B 285 -1.63 3.68 -10.29
CA GLY B 285 -0.24 3.82 -10.70
C GLY B 285 0.40 2.54 -11.20
N LEU B 286 -0.30 1.42 -11.02
CA LEU B 286 0.19 0.12 -11.46
C LEU B 286 0.05 0.00 -12.98
N LEU B 287 -0.98 0.62 -13.53
CA LEU B 287 -1.25 0.55 -14.95
C LEU B 287 -0.19 1.16 -15.88
N PRO B 288 0.43 2.26 -15.47
CA PRO B 288 1.45 2.81 -16.37
C PRO B 288 2.62 1.86 -16.46
N LEU B 289 2.83 1.09 -15.40
CA LEU B 289 3.95 0.14 -15.36
C LEU B 289 3.66 -1.13 -16.13
N LEU B 290 2.52 -1.76 -15.86
CA LEU B 290 2.14 -3.00 -16.57
C LEU B 290 2.15 -2.70 -18.06
N HIS B 291 1.81 -1.46 -18.39
CA HIS B 291 1.77 -1.02 -19.78
C HIS B 291 3.17 -1.13 -20.38
N ARG B 292 4.13 -0.47 -19.77
CA ARG B 292 5.51 -0.51 -20.25
C ARG B 292 6.05 -1.94 -20.33
N ALA B 293 5.62 -2.80 -19.40
CA ALA B 293 6.07 -4.18 -19.39
C ALA B 293 5.42 -4.95 -20.54
N LEU B 294 4.10 -4.91 -20.58
CA LEU B 294 3.38 -5.62 -21.64
C LEU B 294 3.98 -5.21 -22.97
N HIS B 295 3.95 -3.91 -23.26
CA HIS B 295 4.53 -3.43 -24.50
C HIS B 295 5.95 -3.93 -24.58
N ALA B 296 6.68 -3.79 -23.47
CA ALA B 296 8.07 -4.25 -23.44
C ALA B 296 8.11 -5.65 -24.02
N GLN B 297 7.06 -6.43 -23.73
CA GLN B 297 6.96 -7.81 -24.24
C GLN B 297 6.57 -7.83 -25.71
N GLY B 298 6.20 -6.67 -26.24
CA GLY B 298 5.83 -6.57 -27.64
C GLY B 298 4.34 -6.73 -27.90
N ASP B 299 3.50 -6.31 -26.96
CA ASP B 299 2.05 -6.44 -27.14
C ASP B 299 1.48 -5.39 -28.09
N PRO B 300 0.81 -5.84 -29.16
CA PRO B 300 0.23 -4.93 -30.15
C PRO B 300 -1.23 -4.55 -29.91
N ALA B 301 -1.90 -5.25 -28.99
CA ALA B 301 -3.30 -4.95 -28.70
C ALA B 301 -3.40 -3.96 -27.55
N LEU B 302 -2.26 -3.35 -27.24
CA LEU B 302 -2.14 -2.36 -26.16
C LEU B 302 -2.46 -0.98 -26.70
N SER B 303 -3.30 -0.25 -25.97
CA SER B 303 -3.72 1.10 -26.35
C SER B 303 -2.55 2.02 -26.66
N MET B 304 -2.86 3.26 -27.03
CA MET B 304 -1.83 4.24 -27.33
C MET B 304 -2.26 5.66 -26.92
N SER B 305 -3.37 5.76 -26.22
CA SER B 305 -3.90 7.06 -25.75
C SER B 305 -4.32 7.07 -24.28
N HIS B 306 -4.79 5.93 -23.78
CA HIS B 306 -5.24 5.84 -22.39
C HIS B 306 -4.64 4.66 -21.62
N TRP B 307 -4.62 4.80 -20.30
CA TRP B 307 -4.11 3.72 -19.48
C TRP B 307 -5.30 2.75 -19.35
N MET B 308 -4.98 1.47 -19.16
CA MET B 308 -5.99 0.43 -19.05
C MET B 308 -6.90 0.55 -17.82
N PHE B 309 -7.25 1.77 -17.45
CA PHE B 309 -8.15 2.00 -16.32
C PHE B 309 -8.95 3.26 -16.61
N HIS B 310 -10.09 3.41 -15.93
CA HIS B 310 -10.95 4.56 -16.18
C HIS B 310 -10.43 5.89 -15.65
N GLN B 311 -9.69 6.59 -16.51
CA GLN B 311 -9.12 7.88 -16.17
C GLN B 311 -10.20 8.90 -15.81
N GLN B 312 -11.20 9.03 -16.67
CA GLN B 312 -12.30 9.96 -16.44
C GLN B 312 -12.84 9.83 -15.00
N ALA B 313 -13.44 8.68 -14.70
CA ALA B 313 -14.04 8.43 -13.39
C ALA B 313 -13.12 8.60 -12.19
N LEU B 314 -11.88 8.14 -12.29
CA LEU B 314 -11.00 8.30 -11.15
C LEU B 314 -10.78 9.79 -10.93
N GLN B 315 -10.57 10.51 -12.02
CA GLN B 315 -10.34 11.94 -11.95
C GLN B 315 -11.54 12.64 -11.33
N GLU B 316 -12.73 12.19 -11.66
CA GLU B 316 -13.88 12.84 -11.07
C GLU B 316 -13.80 12.64 -9.56
N TYR B 317 -13.86 11.39 -9.11
CA TYR B 317 -13.78 11.07 -7.68
C TYR B 317 -12.77 11.91 -6.90
N ILE B 318 -11.53 11.94 -7.35
CA ILE B 318 -10.53 12.72 -6.63
C ILE B 318 -11.00 14.16 -6.47
N LEU B 319 -11.48 14.74 -7.58
CA LEU B 319 -11.94 16.13 -7.61
C LEU B 319 -13.21 16.36 -6.82
N MET B 320 -14.24 15.56 -7.08
CA MET B 320 -15.51 15.72 -6.42
C MET B 320 -15.53 15.40 -4.93
N CYS B 321 -14.96 14.25 -4.56
CA CYS B 321 -14.98 13.83 -3.16
C CYS B 321 -13.68 13.60 -2.40
N CYS B 322 -12.57 14.19 -2.84
CA CYS B 322 -11.31 13.98 -2.13
C CYS B 322 -10.59 15.26 -1.82
N GLN B 323 -11.25 16.38 -2.08
CA GLN B 323 -10.64 17.66 -1.85
C GLN B 323 -11.20 18.34 -0.63
N CYS B 324 -10.30 18.81 0.23
CA CYS B 324 -10.73 19.53 1.43
C CYS B 324 -10.97 20.96 0.95
N PRO B 325 -12.11 21.56 1.35
CA PRO B 325 -12.35 22.93 0.90
C PRO B 325 -11.36 23.93 1.49
N ALA B 326 -10.71 23.54 2.59
CA ALA B 326 -9.72 24.37 3.26
C ALA B 326 -8.34 24.09 2.69
N GLY B 327 -8.23 23.03 1.91
CA GLY B 327 -6.96 22.66 1.33
C GLY B 327 -6.61 21.22 1.69
N GLY B 328 -5.76 20.60 0.90
CA GLY B 328 -5.39 19.23 1.16
C GLY B 328 -6.45 18.28 0.63
N LEU B 329 -6.05 17.07 0.26
CA LEU B 329 -6.99 16.08 -0.25
C LEU B 329 -7.19 15.09 0.86
N LEU B 330 -7.89 13.99 0.59
CA LEU B 330 -8.11 13.02 1.65
C LEU B 330 -8.62 11.63 1.23
N ASP B 331 -8.66 10.74 2.22
CA ASP B 331 -9.12 9.38 2.02
C ASP B 331 -10.37 9.44 1.17
N LYS B 332 -11.52 9.49 1.83
CA LYS B 332 -12.81 9.58 1.16
C LYS B 332 -13.55 10.69 1.89
N PRO B 333 -14.73 11.10 1.40
CA PRO B 333 -15.46 12.18 2.08
C PRO B 333 -15.78 11.92 3.55
N GLY B 334 -15.65 12.95 4.37
CA GLY B 334 -15.92 12.81 5.78
C GLY B 334 -14.65 12.68 6.61
N LYS B 335 -13.62 12.09 6.00
CA LYS B 335 -12.34 11.89 6.67
C LYS B 335 -11.63 13.23 6.84
N SER B 336 -10.43 13.22 7.40
CA SER B 336 -9.71 14.46 7.61
C SER B 336 -8.52 14.53 6.68
N ARG B 337 -7.98 15.74 6.52
CA ARG B 337 -6.86 15.94 5.62
C ARG B 337 -5.52 15.71 6.27
N ASP B 338 -4.56 15.33 5.44
CA ASP B 338 -3.19 15.10 5.86
C ASP B 338 -2.39 15.20 4.58
N PHE B 339 -1.07 15.24 4.71
CA PHE B 339 -0.20 15.36 3.54
C PHE B 339 0.08 14.05 2.80
N TYR B 340 -0.06 12.92 3.49
CA TYR B 340 0.16 11.65 2.81
C TYR B 340 -0.89 11.53 1.71
N HIS B 341 -2.16 11.53 2.09
CA HIS B 341 -3.26 11.41 1.14
C HIS B 341 -3.23 12.54 0.12
N THR B 342 -2.90 13.73 0.58
CA THR B 342 -2.83 14.84 -0.34
C THR B 342 -1.82 14.47 -1.42
N CYS B 343 -0.64 14.09 -0.98
CA CYS B 343 0.42 13.74 -1.91
C CYS B 343 0.10 12.61 -2.88
N TYR B 344 -0.71 11.66 -2.45
CA TYR B 344 -1.04 10.52 -3.31
C TYR B 344 -2.34 10.73 -4.07
N CYS B 345 -3.13 11.69 -3.61
CA CYS B 345 -4.38 12.01 -4.29
C CYS B 345 -3.99 12.81 -5.52
N LEU B 346 -3.05 13.73 -5.35
CA LEU B 346 -2.58 14.53 -6.47
C LEU B 346 -1.83 13.60 -7.41
N SER B 347 -1.00 12.75 -6.83
CA SER B 347 -0.21 11.79 -7.59
C SER B 347 -1.09 10.94 -8.48
N GLY B 348 -2.23 10.51 -7.92
CA GLY B 348 -3.17 9.71 -8.67
C GLY B 348 -3.81 10.57 -9.75
N LEU B 349 -4.16 11.80 -9.39
CA LEU B 349 -4.76 12.72 -10.35
C LEU B 349 -3.87 12.76 -11.58
N SER B 350 -2.64 13.23 -11.40
CA SER B 350 -1.66 13.33 -12.49
C SER B 350 -1.59 12.08 -13.35
N ILE B 351 -1.28 10.96 -12.71
CA ILE B 351 -1.21 9.70 -13.41
C ILE B 351 -2.43 9.52 -14.29
N ALA B 352 -3.58 9.95 -13.79
CA ALA B 352 -4.82 9.80 -14.53
C ALA B 352 -5.08 10.74 -15.70
N GLN B 353 -4.23 11.74 -15.88
CA GLN B 353 -4.44 12.68 -16.98
C GLN B 353 -3.27 12.82 -17.95
N HIS B 354 -2.22 12.00 -17.77
CA HIS B 354 -1.06 12.04 -18.65
C HIS B 354 -0.73 10.64 -19.17
N PHE B 355 -0.73 10.49 -20.50
CA PHE B 355 -0.41 9.20 -21.11
C PHE B 355 0.77 9.34 -22.04
N GLY B 356 1.49 8.25 -22.25
CA GLY B 356 2.65 8.28 -23.13
C GLY B 356 2.94 6.87 -23.61
N SER B 357 3.80 6.76 -24.61
CA SER B 357 4.16 5.46 -25.17
C SER B 357 5.24 5.71 -26.21
N GLY B 358 6.08 6.70 -25.94
CA GLY B 358 7.14 7.04 -26.87
C GLY B 358 6.82 8.41 -27.41
N ALA B 359 6.23 8.43 -28.60
CA ALA B 359 5.82 9.69 -29.22
C ALA B 359 4.38 9.93 -28.77
N MET B 360 3.80 8.87 -28.25
CA MET B 360 2.44 8.93 -27.76
C MET B 360 2.41 9.85 -26.56
N LEU B 361 1.32 10.58 -26.46
CA LEU B 361 1.14 11.51 -25.38
C LEU B 361 -0.28 12.01 -25.48
N HIS B 362 -1.18 11.37 -24.73
CA HIS B 362 -2.56 11.77 -24.72
C HIS B 362 -2.90 12.20 -23.29
N ASP B 363 -3.41 13.42 -23.15
CA ASP B 363 -3.76 13.94 -21.84
C ASP B 363 -5.26 14.08 -21.74
N VAL B 364 -5.80 13.78 -20.57
CA VAL B 364 -7.24 13.87 -20.37
C VAL B 364 -7.58 14.59 -19.08
N VAL B 365 -7.32 15.89 -19.06
CA VAL B 365 -7.64 16.70 -17.90
C VAL B 365 -9.15 16.90 -17.88
N MET B 366 -9.80 16.64 -16.74
CA MET B 366 -11.25 16.79 -16.61
C MET B 366 -11.60 18.11 -15.94
N GLY B 367 -12.74 18.68 -16.33
CA GLY B 367 -13.15 19.95 -15.76
C GLY B 367 -12.24 21.07 -16.23
N VAL B 368 -11.99 22.05 -15.38
CA VAL B 368 -11.14 23.19 -15.69
C VAL B 368 -9.75 22.73 -16.18
N PRO B 369 -9.21 23.36 -17.24
CA PRO B 369 -7.89 22.97 -17.77
C PRO B 369 -6.77 23.40 -16.88
N GLU B 370 -7.10 24.11 -15.81
CA GLU B 370 -6.13 24.57 -14.84
C GLU B 370 -5.87 23.46 -13.85
N ASN B 371 -6.66 22.40 -13.94
CA ASN B 371 -6.51 21.26 -13.05
C ASN B 371 -5.43 20.32 -13.57
N VAL B 372 -4.77 20.70 -14.65
CA VAL B 372 -3.73 19.84 -15.19
C VAL B 372 -2.49 20.01 -14.34
N LEU B 373 -1.94 18.91 -13.85
CA LEU B 373 -0.76 19.02 -13.00
C LEU B 373 0.49 18.54 -13.71
N GLN B 374 1.62 18.75 -13.04
CA GLN B 374 2.92 18.33 -13.56
C GLN B 374 2.94 16.82 -13.66
N PRO B 375 3.74 16.28 -14.59
CA PRO B 375 3.83 14.82 -14.75
C PRO B 375 4.67 14.18 -13.65
N THR B 376 4.34 12.93 -13.33
CA THR B 376 5.03 12.18 -12.28
C THR B 376 5.50 10.83 -12.85
N HIS B 377 6.67 10.39 -12.41
CA HIS B 377 7.22 9.12 -12.86
C HIS B 377 6.52 7.98 -12.17
N PRO B 378 6.08 6.98 -12.93
CA PRO B 378 5.39 5.81 -12.36
C PRO B 378 6.15 4.97 -11.34
N VAL B 379 7.48 4.93 -11.44
CA VAL B 379 8.28 4.12 -10.52
C VAL B 379 8.76 4.85 -9.27
N TYR B 380 9.43 5.98 -9.48
CA TYR B 380 9.96 6.74 -8.37
C TYR B 380 8.97 7.72 -7.80
N ASN B 381 7.89 7.97 -8.54
CA ASN B 381 6.86 8.93 -8.11
C ASN B 381 7.43 10.32 -7.92
N ILE B 382 8.25 10.74 -8.86
CA ILE B 382 8.86 12.07 -8.83
C ILE B 382 9.00 12.49 -10.29
N GLY B 383 8.97 13.80 -10.53
CA GLY B 383 9.08 14.29 -11.89
C GLY B 383 9.95 13.46 -12.81
N PRO B 384 9.45 13.10 -14.00
CA PRO B 384 10.27 12.30 -14.92
C PRO B 384 11.61 12.94 -15.22
N ASP B 385 11.70 14.24 -14.99
CA ASP B 385 12.92 15.01 -15.24
C ASP B 385 13.87 14.91 -14.06
N LYS B 386 13.33 15.09 -12.85
CA LYS B 386 14.14 15.00 -11.64
C LYS B 386 14.86 13.66 -11.59
N VAL B 387 14.22 12.63 -12.15
CA VAL B 387 14.82 11.29 -12.19
C VAL B 387 15.86 11.17 -13.28
N ILE B 388 15.73 12.02 -14.30
CA ILE B 388 16.66 12.03 -15.41
C ILE B 388 17.88 12.72 -14.86
N GLN B 389 17.66 13.91 -14.29
CA GLN B 389 18.75 14.67 -13.72
C GLN B 389 19.46 13.73 -12.76
N ALA B 390 18.68 13.17 -11.83
CA ALA B 390 19.17 12.25 -10.81
C ALA B 390 20.23 11.33 -11.34
N THR B 391 19.77 10.29 -12.03
CA THR B 391 20.64 9.28 -12.62
C THR B 391 21.81 9.89 -13.37
N THR B 392 21.58 10.39 -14.57
CA THR B 392 22.64 10.99 -15.39
C THR B 392 23.72 11.63 -14.52
N HIS B 393 23.30 12.29 -13.44
CA HIS B 393 24.28 12.90 -12.55
C HIS B 393 25.06 11.79 -11.82
N PHE B 394 24.49 11.26 -10.73
CA PHE B 394 25.14 10.21 -9.95
C PHE B 394 25.82 9.22 -10.87
N LEU B 395 25.26 9.06 -12.07
CA LEU B 395 25.82 8.16 -13.07
C LEU B 395 27.24 8.60 -13.36
N GLN B 396 27.43 9.92 -13.49
CA GLN B 396 28.75 10.48 -13.77
C GLN B 396 29.75 10.16 -12.65
N LYS B 397 29.28 9.49 -11.61
CA LYS B 397 30.11 9.10 -10.48
C LYS B 397 30.23 7.57 -10.49
N PRO B 398 31.08 7.00 -9.61
CA PRO B 398 31.25 5.54 -9.61
C PRO B 398 30.33 4.72 -8.69
N VAL B 399 30.24 3.42 -9.00
CA VAL B 399 29.42 2.47 -8.23
C VAL B 399 30.30 1.99 -7.08
N PRO B 400 30.08 2.50 -5.86
CA PRO B 400 30.84 2.14 -4.66
C PRO B 400 31.34 0.70 -4.56
N GLY B 401 32.23 0.33 -5.48
CA GLY B 401 32.79 -1.00 -5.46
C GLY B 401 33.88 -0.95 -4.41
N PHE B 402 33.62 -1.58 -3.26
CA PHE B 402 34.55 -1.61 -2.14
C PHE B 402 35.19 -2.99 -1.94
#